data_2YHO
#
_entry.id   2YHO
#
_cell.length_a   57.690
_cell.length_b   137.870
_cell.length_c   63.750
_cell.angle_alpha   90.00
_cell.angle_beta   106.39
_cell.angle_gamma   90.00
#
_symmetry.space_group_name_H-M   'P 1 21 1'
#
loop_
_entity.id
_entity.type
_entity.pdbx_description
1 polymer 'E3 UBIQUITIN-PROTEIN LIGASE MYLIP'
2 polymer 'UBIQUITIN-CONJUGATING ENZYME E2 D1'
3 non-polymer 'ZINC ION'
4 non-polymer 'ACETATE ION'
5 water water
#
loop_
_entity_poly.entity_id
_entity_poly.type
_entity_poly.pdbx_seq_one_letter_code
_entity_poly.pdbx_strand_id
1 'polypeptide(L)' GAQQTRVLQEKLRKLKEAMLCMVCCEEEINSTFCPCGHTVCCESCAAQLQSCPVCRSRVEHVQHVYLPTHTSLLNLTVI A,C,E,G
2 'polypeptide(L)'
;GAMALKRIQKELSDLQRDPPAHCSAGPVGDDLFHWQATIMGPPDSAYQGGVFFLTVHFPTDYPFKPPKIAFTTKIYHPNI
NSNGSICLDILRSQWSPALTVSKVLLSICSLLCDPNPDDPLVPDIAQIYKSDKEKYNRHAREWTQKYAM
;
B,D,F,H
#
# COMPACT_ATOMS: atom_id res chain seq x y z
N ARG A 6 8.84 27.19 -12.68
CA ARG A 6 8.47 26.63 -13.98
C ARG A 6 6.94 26.52 -14.13
N VAL A 7 6.49 25.50 -14.87
CA VAL A 7 5.08 25.33 -15.19
C VAL A 7 4.34 24.52 -14.14
N LEU A 8 4.93 24.43 -12.95
CA LEU A 8 4.21 23.93 -11.81
C LEU A 8 3.10 24.94 -11.54
N GLN A 9 3.36 26.19 -11.94
CA GLN A 9 2.42 27.29 -11.78
C GLN A 9 1.05 26.97 -12.36
N GLU A 10 1.03 26.40 -13.55
CA GLU A 10 -0.22 26.00 -14.19
C GLU A 10 -0.97 24.99 -13.33
N LYS A 11 -0.23 24.03 -12.78
CA LYS A 11 -0.84 23.00 -11.93
C LYS A 11 -1.32 23.56 -10.60
N LEU A 12 -0.49 24.38 -9.98
CA LEU A 12 -0.80 24.92 -8.66
C LEU A 12 -1.99 25.87 -8.73
N ARG A 13 -2.09 26.59 -9.84
CA ARG A 13 -3.17 27.54 -10.00
C ARG A 13 -4.48 26.83 -10.35
N LYS A 14 -4.42 25.82 -11.22
CA LYS A 14 -5.60 25.00 -11.50
C LYS A 14 -6.15 24.38 -10.22
N LEU A 15 -5.25 24.00 -9.32
CA LEU A 15 -5.64 23.41 -8.05
C LEU A 15 -6.31 24.45 -7.14
N LYS A 16 -5.75 25.66 -7.13
CA LYS A 16 -6.26 26.72 -6.30
C LYS A 16 -7.64 27.15 -6.79
N GLU A 17 -7.81 27.24 -8.10
CA GLU A 17 -9.08 27.66 -8.69
C GLU A 17 -10.16 26.58 -8.53
N ALA A 18 -9.72 25.33 -8.37
CA ALA A 18 -10.63 24.22 -8.16
C ALA A 18 -11.21 24.29 -6.76
N MET A 19 -10.49 24.97 -5.86
CA MET A 19 -10.94 25.11 -4.48
C MET A 19 -11.89 26.30 -4.29
N LEU A 20 -12.12 27.06 -5.34
CA LEU A 20 -12.99 28.22 -5.27
C LEU A 20 -14.44 27.86 -5.50
N CYS A 21 -15.34 28.48 -4.73
CA CYS A 21 -16.77 28.30 -4.90
C CYS A 21 -17.19 28.38 -6.36
N MET A 22 -17.95 27.39 -6.81
CA MET A 22 -18.45 27.37 -8.18
C MET A 22 -19.27 28.63 -8.51
N VAL A 23 -20.05 29.10 -7.54
CA VAL A 23 -21.00 30.20 -7.80
C VAL A 23 -20.38 31.59 -7.68
N CYS A 24 -19.86 31.92 -6.50
CA CYS A 24 -19.34 33.26 -6.25
C CYS A 24 -17.91 33.41 -6.75
N CYS A 25 -17.22 32.29 -6.95
CA CYS A 25 -15.84 32.29 -7.42
C CYS A 25 -14.89 33.11 -6.56
N GLU A 26 -15.23 33.29 -5.29
CA GLU A 26 -14.42 34.11 -4.38
C GLU A 26 -14.03 33.39 -3.08
N GLU A 27 -14.99 32.68 -2.49
CA GLU A 27 -14.76 31.97 -1.23
C GLU A 27 -14.34 30.52 -1.43
N GLU A 28 -13.50 30.02 -0.52
CA GLU A 28 -13.12 28.61 -0.58
C GLU A 28 -14.35 27.72 -0.34
N ILE A 29 -14.44 26.65 -1.11
CA ILE A 29 -15.45 25.62 -0.92
C ILE A 29 -15.36 25.02 0.48
N ASN A 30 -16.49 24.82 1.14
CA ASN A 30 -16.49 24.32 2.52
C ASN A 30 -17.82 23.71 2.90
N SER A 31 -18.53 23.21 1.89
CA SER A 31 -19.89 22.70 2.07
C SER A 31 -20.14 21.58 1.08
N THR A 32 -20.89 20.57 1.51
CA THR A 32 -21.33 19.51 0.63
C THR A 32 -22.83 19.44 0.62
N PHE A 33 -23.41 19.17 -0.54
CA PHE A 33 -24.83 18.91 -0.61
C PHE A 33 -25.12 17.48 -0.18
N CYS A 34 -26.05 17.32 0.74
CA CYS A 34 -26.50 16.00 1.17
C CYS A 34 -27.90 15.78 0.59
N PRO A 35 -28.20 14.55 0.13
CA PRO A 35 -27.36 13.36 0.27
C PRO A 35 -26.36 13.09 -0.86
N CYS A 36 -26.35 13.89 -1.91
CA CYS A 36 -25.62 13.52 -3.11
C CYS A 36 -24.09 13.58 -2.97
N GLY A 37 -23.59 14.49 -2.15
CA GLY A 37 -22.17 14.54 -1.86
C GLY A 37 -21.33 15.45 -2.74
N HIS A 38 -21.92 16.16 -3.70
CA HIS A 38 -21.11 17.11 -4.46
C HIS A 38 -20.69 18.29 -3.61
N THR A 39 -19.44 18.69 -3.77
CA THR A 39 -18.81 19.60 -2.85
C THR A 39 -18.18 20.68 -3.70
N VAL A 40 -18.97 21.69 -4.01
CA VAL A 40 -18.60 22.66 -5.02
C VAL A 40 -18.81 24.13 -4.60
N CYS A 41 -19.33 24.36 -3.39
CA CYS A 41 -19.73 25.72 -2.99
C CYS A 41 -19.22 26.14 -1.60
N CYS A 42 -19.15 27.46 -1.37
CA CYS A 42 -19.00 27.98 -0.01
C CYS A 42 -20.36 27.86 0.66
N GLU A 43 -20.41 28.13 1.96
CA GLU A 43 -21.64 27.91 2.73
C GLU A 43 -22.79 28.83 2.29
N SER A 44 -22.47 30.03 1.85
CA SER A 44 -23.52 31.00 1.52
C SER A 44 -24.20 30.68 0.20
N CYS A 45 -23.42 30.33 -0.81
CA CYS A 45 -24.02 29.95 -2.09
C CYS A 45 -24.75 28.61 -1.98
N ALA A 46 -24.16 27.67 -1.22
CA ALA A 46 -24.79 26.36 -1.01
C ALA A 46 -26.17 26.48 -0.38
N ALA A 47 -26.31 27.35 0.60
CA ALA A 47 -27.58 27.54 1.30
C ALA A 47 -28.67 28.02 0.36
N GLN A 48 -28.29 28.57 -0.79
CA GLN A 48 -29.26 29.17 -1.69
C GLN A 48 -29.65 28.27 -2.87
N LEU A 49 -29.00 27.11 -2.98
CA LEU A 49 -29.30 26.17 -4.06
C LEU A 49 -30.15 25.01 -3.56
N GLN A 50 -31.36 24.89 -4.12
CA GLN A 50 -32.32 23.88 -3.65
C GLN A 50 -32.08 22.54 -4.29
N SER A 51 -31.39 22.55 -5.42
CA SER A 51 -30.97 21.33 -6.05
C SER A 51 -29.50 21.46 -6.40
N CYS A 52 -28.80 20.33 -6.38
CA CYS A 52 -27.38 20.29 -6.68
C CYS A 52 -27.05 20.76 -8.10
N PRO A 53 -26.08 21.68 -8.25
CA PRO A 53 -25.76 22.22 -9.57
C PRO A 53 -25.16 21.15 -10.47
N VAL A 54 -24.48 20.18 -9.88
CA VAL A 54 -23.81 19.13 -10.65
C VAL A 54 -24.77 18.04 -11.14
N CYS A 55 -25.52 17.44 -10.22
CA CYS A 55 -26.28 16.22 -10.54
C CYS A 55 -27.78 16.46 -10.50
N ARG A 56 -28.16 17.66 -10.07
CA ARG A 56 -29.54 18.10 -9.99
C ARG A 56 -30.36 17.38 -8.93
N SER A 57 -29.71 16.53 -8.13
CA SER A 57 -30.37 15.91 -7.00
C SER A 57 -30.86 16.96 -6.01
N ARG A 58 -31.97 16.65 -5.36
CA ARG A 58 -32.52 17.50 -4.33
C ARG A 58 -31.51 17.66 -3.21
N VAL A 59 -31.42 18.84 -2.64
CA VAL A 59 -30.54 19.03 -1.50
C VAL A 59 -31.38 18.88 -0.24
N GLU A 60 -31.15 17.82 0.53
CA GLU A 60 -31.85 17.67 1.80
C GLU A 60 -31.27 18.59 2.88
N HIS A 61 -29.98 18.89 2.78
CA HIS A 61 -29.31 19.68 3.79
C HIS A 61 -27.84 19.90 3.40
N VAL A 62 -27.24 20.99 3.88
CA VAL A 62 -25.85 21.26 3.59
C VAL A 62 -25.00 20.91 4.80
N GLN A 63 -23.93 20.15 4.57
CA GLN A 63 -23.00 19.77 5.64
C GLN A 63 -21.72 20.56 5.47
N HIS A 64 -21.28 21.18 6.54
CA HIS A 64 -20.03 21.90 6.52
C HIS A 64 -18.90 20.89 6.35
N VAL A 65 -17.90 21.27 5.55
CA VAL A 65 -16.73 20.44 5.34
C VAL A 65 -15.46 21.28 5.41
N TYR A 66 -14.46 20.78 6.13
CA TYR A 66 -13.16 21.39 6.11
C TYR A 66 -12.35 20.66 5.06
N LEU A 67 -12.07 21.31 3.93
CA LEU A 67 -11.32 20.64 2.86
C LEU A 67 -9.95 20.26 3.38
N PRO A 68 -9.55 18.99 3.19
CA PRO A 68 -8.26 18.56 3.76
C PRO A 68 -7.09 19.39 3.22
N THR A 69 -7.32 20.06 2.09
CA THR A 69 -6.29 20.81 1.39
C THR A 69 -6.18 22.26 1.83
N HIS A 70 -6.83 22.60 2.94
CA HIS A 70 -6.86 23.98 3.43
C HIS A 70 -5.50 24.44 3.99
N THR A 71 -5.13 25.70 3.74
CA THR A 71 -3.83 26.24 4.19
C THR A 71 -3.85 26.82 5.64
N SER A 72 -3.67 28.14 5.77
CA SER A 72 -3.47 28.80 7.07
C SER A 72 -3.65 27.87 8.27
N GLY B 1 -21.44 42.24 -2.14
CA GLY B 1 -21.46 40.80 -1.93
C GLY B 1 -22.47 40.09 -2.81
N ALA B 2 -23.10 40.83 -3.70
CA ALA B 2 -24.04 40.25 -4.65
C ALA B 2 -23.35 40.09 -6.01
N MET B 3 -22.04 40.33 -6.01
CA MET B 3 -21.27 40.45 -7.24
C MET B 3 -21.20 39.18 -8.09
N ALA B 4 -21.86 39.23 -9.24
CA ALA B 4 -21.69 38.25 -10.28
C ALA B 4 -20.35 38.53 -10.95
N LEU B 5 -19.71 39.62 -10.57
CA LEU B 5 -18.54 40.12 -11.28
C LEU B 5 -17.41 39.10 -11.30
N LYS B 6 -17.15 38.48 -10.15
CA LYS B 6 -16.04 37.56 -10.03
C LYS B 6 -16.28 36.30 -10.87
N ARG B 7 -17.52 35.82 -10.85
CA ARG B 7 -17.91 34.65 -11.65
C ARG B 7 -17.81 34.95 -13.15
N ILE B 8 -18.24 36.14 -13.55
CA ILE B 8 -18.12 36.54 -14.95
C ILE B 8 -16.67 36.67 -15.38
N GLN B 9 -15.85 37.29 -14.55
CA GLN B 9 -14.43 37.48 -14.86
C GLN B 9 -13.71 36.16 -14.99
N LYS B 10 -14.08 35.21 -14.14
CA LYS B 10 -13.52 33.87 -14.16
C LYS B 10 -13.95 33.10 -15.42
N GLU B 11 -15.25 33.10 -15.73
CA GLU B 11 -15.71 32.52 -16.98
C GLU B 11 -15.01 33.11 -18.19
N LEU B 12 -14.90 34.43 -18.23
CA LEU B 12 -14.25 35.10 -19.36
C LEU B 12 -12.83 34.61 -19.53
N SER B 13 -12.09 34.55 -18.44
CA SER B 13 -10.69 34.14 -18.48
C SER B 13 -10.58 32.67 -18.90
N ASP B 14 -11.44 31.81 -18.37
CA ASP B 14 -11.48 30.41 -18.78
C ASP B 14 -11.86 30.22 -20.25
N LEU B 15 -12.84 30.98 -20.71
CA LEU B 15 -13.33 30.77 -22.07
C LEU B 15 -12.26 31.22 -23.05
N GLN B 16 -11.64 32.35 -22.75
CA GLN B 16 -10.64 32.91 -23.65
C GLN B 16 -9.35 32.07 -23.67
N ARG B 17 -9.06 31.33 -22.59
CA ARG B 17 -7.91 30.44 -22.60
C ARG B 17 -8.17 29.15 -23.38
N ASP B 18 -9.42 28.70 -23.37
CA ASP B 18 -9.79 27.44 -24.03
C ASP B 18 -11.13 27.51 -24.76
N PRO B 19 -11.17 28.27 -25.86
CA PRO B 19 -12.45 28.63 -26.48
C PRO B 19 -13.09 27.47 -27.21
N PRO B 20 -14.42 27.39 -27.17
CA PRO B 20 -15.11 26.35 -27.94
C PRO B 20 -14.88 26.52 -29.43
N ALA B 21 -14.72 25.40 -30.12
CA ALA B 21 -14.55 25.39 -31.57
C ALA B 21 -15.66 26.20 -32.24
N HIS B 22 -15.30 26.96 -33.27
CA HIS B 22 -16.25 27.74 -34.07
C HIS B 22 -16.75 28.98 -33.37
N CYS B 23 -16.22 29.26 -32.18
CA CYS B 23 -16.73 30.33 -31.35
C CYS B 23 -15.69 31.31 -30.84
N SER B 24 -16.16 32.50 -30.45
CA SER B 24 -15.33 33.53 -29.86
C SER B 24 -16.23 34.35 -28.96
N ALA B 25 -15.68 34.83 -27.86
CA ALA B 25 -16.41 35.73 -26.97
C ALA B 25 -15.46 36.69 -26.29
N GLY B 26 -15.97 37.90 -26.03
CA GLY B 26 -15.22 38.91 -25.32
C GLY B 26 -16.17 39.94 -24.76
N PRO B 27 -15.69 40.74 -23.80
CA PRO B 27 -16.53 41.79 -23.21
C PRO B 27 -16.77 42.92 -24.21
N VAL B 28 -17.90 43.59 -24.08
CA VAL B 28 -18.29 44.67 -24.99
C VAL B 28 -18.79 45.88 -24.22
N GLY B 29 -18.40 47.07 -24.69
CA GLY B 29 -18.81 48.30 -24.06
C GLY B 29 -18.07 48.58 -22.77
N ASP B 30 -18.72 49.26 -21.83
CA ASP B 30 -18.18 49.43 -20.49
C ASP B 30 -18.71 48.28 -19.65
N ASP B 31 -19.91 47.85 -19.99
CA ASP B 31 -20.65 46.91 -19.18
C ASP B 31 -19.93 45.56 -19.07
N LEU B 32 -19.41 45.25 -17.89
CA LEU B 32 -18.80 43.95 -17.64
C LEU B 32 -19.86 42.85 -17.76
N PHE B 33 -21.12 43.26 -17.68
CA PHE B 33 -22.25 42.36 -17.70
C PHE B 33 -22.71 42.06 -19.11
N HIS B 34 -21.99 42.61 -20.09
CA HIS B 34 -22.29 42.34 -21.48
C HIS B 34 -21.06 41.79 -22.19
N TRP B 35 -21.26 40.72 -22.96
CA TRP B 35 -20.23 40.19 -23.84
C TRP B 35 -20.80 40.17 -25.24
N GLN B 36 -19.92 40.20 -26.23
CA GLN B 36 -20.37 39.83 -27.55
C GLN B 36 -19.75 38.49 -27.88
N ALA B 37 -20.52 37.65 -28.55
CA ALA B 37 -20.01 36.38 -29.03
C ALA B 37 -20.16 36.28 -30.55
N THR B 38 -19.36 35.43 -31.15
CA THR B 38 -19.39 35.24 -32.58
C THR B 38 -19.32 33.75 -32.81
N ILE B 39 -20.14 33.28 -33.74
CA ILE B 39 -20.13 31.87 -34.14
C ILE B 39 -19.96 31.81 -35.65
N MET B 40 -18.94 31.07 -36.10
CA MET B 40 -18.74 30.81 -37.52
C MET B 40 -19.49 29.51 -37.82
N GLY B 41 -20.45 29.56 -38.74
CA GLY B 41 -21.25 28.38 -39.06
C GLY B 41 -20.38 27.16 -39.29
N PRO B 42 -20.70 26.04 -38.62
CA PRO B 42 -19.96 24.79 -38.81
C PRO B 42 -20.01 24.32 -40.26
N PRO B 43 -18.93 23.66 -40.70
CA PRO B 43 -18.70 23.10 -42.03
C PRO B 43 -19.79 22.10 -42.46
N ASP B 44 -20.29 21.32 -41.51
CA ASP B 44 -21.34 20.36 -41.80
C ASP B 44 -22.68 20.91 -41.34
N SER B 45 -22.99 22.11 -41.79
CA SER B 45 -24.29 22.70 -41.51
C SER B 45 -24.63 23.58 -42.71
N ALA B 46 -25.91 23.86 -42.87
CA ALA B 46 -26.36 24.74 -43.95
C ALA B 46 -25.81 26.15 -43.76
N TYR B 47 -25.21 26.41 -42.59
CA TYR B 47 -24.74 27.74 -42.22
C TYR B 47 -23.24 27.95 -42.42
N GLN B 48 -22.55 27.02 -43.07
CA GLN B 48 -21.11 27.18 -43.26
C GLN B 48 -20.81 28.49 -44.00
N GLY B 49 -19.67 29.09 -43.67
CA GLY B 49 -19.27 30.36 -44.25
C GLY B 49 -19.98 31.57 -43.65
N GLY B 50 -20.94 31.30 -42.77
CA GLY B 50 -21.74 32.39 -42.20
C GLY B 50 -21.17 32.83 -40.89
N VAL B 51 -21.28 34.13 -40.60
CA VAL B 51 -20.79 34.64 -39.32
C VAL B 51 -21.94 35.23 -38.52
N PHE B 52 -22.19 34.66 -37.35
CA PHE B 52 -23.34 35.06 -36.57
C PHE B 52 -22.91 35.76 -35.30
N PHE B 53 -23.43 36.97 -35.10
CA PHE B 53 -23.13 37.73 -33.88
C PHE B 53 -24.23 37.56 -32.84
N LEU B 54 -23.79 37.39 -31.59
CA LEU B 54 -24.71 37.14 -30.49
C LEU B 54 -24.42 38.14 -29.38
N THR B 55 -25.44 38.55 -28.65
CA THR B 55 -25.22 39.29 -27.42
C THR B 55 -25.33 38.33 -26.24
N VAL B 56 -24.52 38.56 -25.22
CA VAL B 56 -24.61 37.85 -23.96
C VAL B 56 -24.82 38.85 -22.82
N HIS B 57 -26.00 38.81 -22.20
CA HIS B 57 -26.32 39.72 -21.10
C HIS B 57 -26.47 38.95 -19.78
N PHE B 58 -25.62 39.24 -18.80
CA PHE B 58 -25.69 38.50 -17.54
C PHE B 58 -26.66 39.15 -16.55
N PRO B 59 -27.59 38.38 -16.00
CA PRO B 59 -28.47 38.99 -15.00
C PRO B 59 -27.65 39.32 -13.77
N THR B 60 -28.18 40.16 -12.88
CA THR B 60 -27.41 40.62 -11.73
C THR B 60 -27.22 39.52 -10.69
N ASP B 61 -28.06 38.49 -10.73
CA ASP B 61 -27.88 37.35 -9.80
C ASP B 61 -27.28 36.11 -10.50
N TYR B 62 -26.62 36.32 -11.62
CA TYR B 62 -25.82 35.29 -12.26
C TYR B 62 -24.80 34.81 -11.22
N PRO B 63 -24.50 33.49 -11.20
CA PRO B 63 -25.01 32.41 -12.06
C PRO B 63 -26.19 31.65 -11.46
N PHE B 64 -26.89 32.23 -10.48
CA PHE B 64 -28.13 31.62 -10.01
C PHE B 64 -29.17 31.56 -11.12
N LYS B 65 -29.13 32.56 -12.00
CA LYS B 65 -29.99 32.60 -13.20
C LYS B 65 -29.12 32.51 -14.47
N PRO B 66 -29.69 32.02 -15.58
CA PRO B 66 -28.86 31.82 -16.77
C PRO B 66 -28.57 33.14 -17.45
N PRO B 67 -27.56 33.18 -18.33
CA PRO B 67 -27.26 34.39 -19.10
C PRO B 67 -28.33 34.57 -20.16
N LYS B 68 -28.58 35.80 -20.58
CA LYS B 68 -29.49 36.03 -21.69
C LYS B 68 -28.69 36.11 -22.98
N ILE B 69 -28.90 35.14 -23.84
CA ILE B 69 -28.14 35.01 -25.07
C ILE B 69 -29.06 35.05 -26.30
N ALA B 70 -28.73 35.90 -27.26
CA ALA B 70 -29.57 36.14 -28.42
C ALA B 70 -28.75 36.43 -29.66
N PHE B 71 -29.21 35.93 -30.80
CA PHE B 71 -28.59 36.24 -32.07
C PHE B 71 -28.99 37.66 -32.47
N THR B 72 -28.02 38.44 -32.90
CA THR B 72 -28.32 39.72 -33.54
C THR B 72 -28.29 39.52 -35.05
N THR B 73 -27.59 38.48 -35.51
CA THR B 73 -27.54 38.17 -36.93
C THR B 73 -28.77 37.36 -37.34
N LYS B 74 -29.39 37.70 -38.46
CA LYS B 74 -30.62 37.00 -38.86
C LYS B 74 -30.29 35.57 -39.30
N ILE B 75 -31.14 34.62 -38.93
CA ILE B 75 -30.86 33.21 -39.22
C ILE B 75 -32.14 32.39 -39.47
N TYR B 76 -32.03 31.44 -40.39
CA TYR B 76 -33.11 30.54 -40.76
C TYR B 76 -32.97 29.21 -40.03
N HIS B 77 -33.77 29.01 -39.00
CA HIS B 77 -33.56 27.89 -38.10
C HIS B 77 -34.80 27.73 -37.23
N PRO B 78 -35.25 26.48 -37.02
CA PRO B 78 -36.50 26.28 -36.27
C PRO B 78 -36.41 26.72 -34.80
N ASN B 79 -35.21 26.75 -34.24
CA ASN B 79 -35.03 27.03 -32.81
C ASN B 79 -34.61 28.46 -32.49
N ILE B 80 -34.58 29.31 -33.52
CA ILE B 80 -34.21 30.70 -33.36
C ILE B 80 -35.16 31.57 -34.18
N ASN B 81 -35.82 32.53 -33.54
CA ASN B 81 -36.80 33.37 -34.23
C ASN B 81 -36.25 34.72 -34.72
N SER B 82 -37.13 35.52 -35.31
CA SER B 82 -36.71 36.80 -35.89
C SER B 82 -36.21 37.82 -34.86
N ASN B 83 -36.51 37.60 -33.58
CA ASN B 83 -35.96 38.43 -32.52
C ASN B 83 -34.57 37.94 -32.05
N GLY B 84 -34.15 36.80 -32.59
CA GLY B 84 -32.88 36.20 -32.24
C GLY B 84 -32.94 35.35 -30.99
N SER B 85 -34.14 35.18 -30.43
CA SER B 85 -34.31 34.35 -29.23
C SER B 85 -33.96 32.90 -29.56
N ILE B 86 -33.30 32.23 -28.62
CA ILE B 86 -32.89 30.85 -28.81
C ILE B 86 -33.69 29.94 -27.90
N CYS B 87 -34.35 28.94 -28.47
CA CYS B 87 -35.04 27.95 -27.66
C CYS B 87 -34.09 26.80 -27.37
N LEU B 88 -33.57 26.77 -26.15
CA LEU B 88 -32.55 25.82 -25.74
C LEU B 88 -32.73 25.57 -24.25
N ASP B 89 -32.78 24.30 -23.88
CA ASP B 89 -33.14 23.91 -22.51
C ASP B 89 -32.25 24.58 -21.45
N ILE B 90 -30.94 24.50 -21.64
CA ILE B 90 -30.00 25.03 -20.66
C ILE B 90 -30.00 26.56 -20.56
N LEU B 91 -30.73 27.25 -21.45
CA LEU B 91 -30.84 28.70 -21.35
C LEU B 91 -32.10 29.05 -20.56
N ARG B 92 -32.90 28.04 -20.28
CA ARG B 92 -34.11 28.20 -19.52
C ARG B 92 -34.11 27.22 -18.34
N SER B 93 -34.99 26.22 -18.44
CA SER B 93 -35.26 25.33 -17.32
C SER B 93 -34.02 24.59 -16.81
N GLN B 94 -33.15 24.19 -17.74
CA GLN B 94 -32.06 23.31 -17.37
C GLN B 94 -30.76 24.02 -17.03
N TRP B 95 -30.83 25.34 -16.86
CA TRP B 95 -29.66 26.08 -16.40
C TRP B 95 -29.25 25.63 -15.01
N SER B 96 -27.95 25.70 -14.75
CA SER B 96 -27.44 25.48 -13.41
C SER B 96 -26.11 26.21 -13.37
N PRO B 97 -25.71 26.64 -12.17
CA PRO B 97 -24.41 27.26 -11.97
C PRO B 97 -23.24 26.40 -12.43
N ALA B 98 -23.46 25.12 -12.68
CA ALA B 98 -22.37 24.26 -13.18
C ALA B 98 -22.09 24.49 -14.67
N LEU B 99 -23.07 25.05 -15.39
CA LEU B 99 -22.89 25.34 -16.81
C LEU B 99 -22.19 26.68 -17.00
N THR B 100 -21.83 26.98 -18.24
CA THR B 100 -21.09 28.21 -18.53
C THR B 100 -21.50 28.76 -19.89
N VAL B 101 -21.18 30.02 -20.13
CA VAL B 101 -21.44 30.59 -21.45
C VAL B 101 -20.73 29.75 -22.51
N SER B 102 -19.50 29.37 -22.21
CA SER B 102 -18.78 28.47 -23.11
C SER B 102 -19.60 27.21 -23.49
N LYS B 103 -20.12 26.50 -22.49
CA LYS B 103 -20.95 25.33 -22.77
C LYS B 103 -22.22 25.63 -23.56
N VAL B 104 -22.87 26.74 -23.25
CA VAL B 104 -24.03 27.16 -24.03
C VAL B 104 -23.67 27.43 -25.50
N LEU B 105 -22.56 28.12 -25.73
CA LEU B 105 -22.08 28.38 -27.09
C LEU B 105 -21.86 27.07 -27.84
N LEU B 106 -21.22 26.11 -27.19
CA LEU B 106 -21.07 24.79 -27.77
C LEU B 106 -22.42 24.14 -28.14
N SER B 107 -23.42 24.29 -27.28
CA SER B 107 -24.73 23.69 -27.55
C SER B 107 -25.43 24.39 -28.70
N ILE B 108 -25.11 25.66 -28.90
CA ILE B 108 -25.78 26.42 -29.95
C ILE B 108 -25.19 25.92 -31.25
N CYS B 109 -23.87 25.71 -31.25
CA CYS B 109 -23.20 25.12 -32.39
C CYS B 109 -23.81 23.77 -32.72
N SER B 110 -24.02 22.94 -31.70
CA SER B 110 -24.65 21.63 -31.88
C SER B 110 -26.04 21.77 -32.50
N LEU B 111 -26.76 22.80 -32.07
CA LEU B 111 -28.11 23.10 -32.54
C LEU B 111 -28.12 23.60 -33.99
N LEU B 112 -27.06 24.30 -34.40
CA LEU B 112 -26.92 24.70 -35.79
C LEU B 112 -26.73 23.47 -36.70
N CYS B 113 -25.95 22.49 -36.23
CA CYS B 113 -25.73 21.27 -37.00
C CYS B 113 -26.95 20.36 -36.97
N ASP B 114 -27.64 20.33 -35.84
CA ASP B 114 -28.79 19.46 -35.69
C ASP B 114 -29.94 20.16 -35.00
N PRO B 115 -30.72 20.90 -35.79
CA PRO B 115 -31.88 21.59 -35.25
C PRO B 115 -32.78 20.61 -34.52
N ASN B 116 -33.49 21.08 -33.50
CA ASN B 116 -34.44 20.25 -32.77
C ASN B 116 -35.84 20.62 -33.19
N PRO B 117 -36.46 19.80 -34.04
CA PRO B 117 -37.74 20.14 -34.63
C PRO B 117 -38.86 19.98 -33.62
N ASP B 118 -38.54 19.35 -32.49
CA ASP B 118 -39.52 19.12 -31.43
C ASP B 118 -39.57 20.31 -30.46
N ASP B 119 -38.81 21.36 -30.76
CA ASP B 119 -38.75 22.55 -29.91
C ASP B 119 -38.89 23.81 -30.74
N PRO B 120 -39.93 23.88 -31.59
CA PRO B 120 -40.02 25.00 -32.54
C PRO B 120 -40.31 26.35 -31.91
N LEU B 121 -39.49 27.32 -32.26
CA LEU B 121 -39.80 28.71 -32.01
C LEU B 121 -40.43 29.23 -33.30
N VAL B 122 -40.04 28.58 -34.40
CA VAL B 122 -40.48 28.96 -35.73
C VAL B 122 -41.14 27.76 -36.43
N PRO B 123 -42.45 27.58 -36.18
CA PRO B 123 -43.27 26.43 -36.59
C PRO B 123 -43.08 26.06 -38.06
N ASP B 124 -43.28 27.04 -38.95
CA ASP B 124 -43.22 26.76 -40.38
C ASP B 124 -41.83 26.33 -40.87
N ILE B 125 -40.76 26.81 -40.23
CA ILE B 125 -39.42 26.32 -40.58
C ILE B 125 -39.19 24.90 -40.06
N ALA B 126 -39.69 24.62 -38.85
CA ALA B 126 -39.55 23.30 -38.24
C ALA B 126 -40.17 22.20 -39.10
N GLN B 127 -41.26 22.53 -39.80
CA GLN B 127 -41.90 21.54 -40.65
C GLN B 127 -41.27 21.47 -42.03
N ILE B 128 -40.83 22.60 -42.56
CA ILE B 128 -40.01 22.53 -43.77
C ILE B 128 -38.82 21.62 -43.47
N TYR B 129 -38.33 21.68 -42.22
CA TYR B 129 -37.21 20.84 -41.80
C TYR B 129 -37.59 19.36 -41.76
N LYS B 130 -38.74 19.04 -41.18
CA LYS B 130 -39.19 17.65 -41.07
C LYS B 130 -39.78 17.11 -42.38
N SER B 131 -40.57 17.95 -43.05
CA SER B 131 -41.20 17.58 -44.32
C SER B 131 -40.19 17.44 -45.45
N ASP B 132 -39.41 18.50 -45.70
CA ASP B 132 -38.45 18.50 -46.80
C ASP B 132 -37.11 19.09 -46.38
N LYS B 133 -36.19 18.23 -45.95
CA LYS B 133 -34.89 18.69 -45.45
C LYS B 133 -34.09 19.39 -46.53
N GLU B 134 -34.26 18.94 -47.78
CA GLU B 134 -33.47 19.46 -48.90
C GLU B 134 -33.81 20.92 -49.22
N LYS B 135 -35.08 21.27 -49.08
CA LYS B 135 -35.50 22.67 -49.26
C LYS B 135 -35.09 23.51 -48.04
N TYR B 136 -35.08 22.89 -46.87
CA TYR B 136 -34.66 23.54 -45.65
C TYR B 136 -33.24 24.06 -45.83
N ASN B 137 -32.33 23.15 -46.15
CA ASN B 137 -30.93 23.48 -46.37
C ASN B 137 -30.74 24.54 -47.45
N ARG B 138 -31.54 24.45 -48.50
CA ARG B 138 -31.52 25.45 -49.55
C ARG B 138 -31.84 26.82 -48.95
N HIS B 139 -32.90 26.88 -48.17
CA HIS B 139 -33.30 28.15 -47.57
C HIS B 139 -32.30 28.60 -46.49
N ALA B 140 -31.81 27.67 -45.69
CA ALA B 140 -30.85 28.01 -44.65
C ALA B 140 -29.60 28.61 -45.27
N ARG B 141 -29.12 28.00 -46.36
CA ARG B 141 -27.96 28.49 -47.10
C ARG B 141 -28.19 29.85 -47.71
N GLU B 142 -29.36 30.05 -48.30
CA GLU B 142 -29.68 31.34 -48.91
C GLU B 142 -29.70 32.45 -47.87
N TRP B 143 -30.30 32.20 -46.71
CA TRP B 143 -30.32 33.20 -45.64
C TRP B 143 -28.93 33.48 -45.06
N THR B 144 -28.08 32.45 -45.04
CA THR B 144 -26.70 32.64 -44.58
C THR B 144 -25.92 33.59 -45.50
N GLN B 145 -26.03 33.35 -46.80
CA GLN B 145 -25.37 34.20 -47.79
C GLN B 145 -25.94 35.61 -47.73
N LYS B 146 -27.24 35.71 -47.57
CA LYS B 146 -27.91 37.01 -47.58
C LYS B 146 -27.64 37.84 -46.32
N TYR B 147 -27.69 37.21 -45.15
CA TYR B 147 -27.64 37.97 -43.90
C TYR B 147 -26.39 37.70 -43.03
N ALA B 148 -25.66 36.62 -43.31
CA ALA B 148 -24.54 36.27 -42.44
C ALA B 148 -23.18 36.19 -43.14
N MET B 149 -23.09 36.84 -44.29
CA MET B 149 -21.85 36.85 -45.04
C MET B 149 -21.50 38.25 -45.48
N ARG C 6 11.26 22.47 -8.21
CA ARG C 6 11.70 23.85 -8.10
C ARG C 6 11.27 24.42 -6.76
N VAL C 7 11.14 23.53 -5.78
CA VAL C 7 10.51 23.83 -4.49
C VAL C 7 9.01 24.04 -4.68
N LEU C 8 8.62 24.31 -5.92
CA LEU C 8 7.22 24.32 -6.31
C LEU C 8 6.71 22.88 -6.26
N GLN C 9 7.63 21.95 -6.51
CA GLN C 9 7.34 20.52 -6.39
C GLN C 9 7.10 20.15 -4.92
N GLU C 10 7.64 20.96 -4.01
CA GLU C 10 7.37 20.78 -2.59
C GLU C 10 5.93 21.13 -2.31
N LYS C 11 5.49 22.27 -2.84
CA LYS C 11 4.11 22.73 -2.68
C LYS C 11 3.14 21.69 -3.23
N LEU C 12 3.27 21.39 -4.52
CA LEU C 12 2.39 20.45 -5.20
C LEU C 12 2.29 19.10 -4.50
N ARG C 13 3.43 18.60 -4.03
CA ARG C 13 3.49 17.29 -3.42
C ARG C 13 2.76 17.27 -2.08
N LYS C 14 2.91 18.34 -1.31
CA LYS C 14 2.26 18.46 -0.02
C LYS C 14 0.74 18.46 -0.16
N LEU C 15 0.25 19.22 -1.14
CA LEU C 15 -1.18 19.31 -1.39
C LEU C 15 -1.75 17.99 -1.92
N LYS C 16 -0.93 17.24 -2.65
CA LYS C 16 -1.33 15.92 -3.10
C LYS C 16 -1.52 15.01 -1.88
N GLU C 17 -0.51 14.99 -1.02
CA GLU C 17 -0.56 14.16 0.18
C GLU C 17 -1.74 14.54 1.04
N ALA C 18 -2.11 15.82 1.02
CA ALA C 18 -3.18 16.32 1.85
C ALA C 18 -4.49 15.68 1.47
N MET C 19 -4.57 15.19 0.23
CA MET C 19 -5.77 14.56 -0.27
C MET C 19 -5.85 13.03 -0.03
N LEU C 20 -4.83 12.47 0.64
CA LEU C 20 -4.84 11.04 0.93
C LEU C 20 -5.40 10.77 2.33
N CYS C 21 -6.22 9.72 2.45
CA CYS C 21 -6.75 9.31 3.74
C CYS C 21 -5.68 9.35 4.83
N MET C 22 -5.96 10.05 5.93
CA MET C 22 -5.03 10.13 7.04
C MET C 22 -4.81 8.76 7.72
N VAL C 23 -5.79 7.89 7.58
CA VAL C 23 -5.75 6.60 8.25
C VAL C 23 -4.93 5.57 7.50
N CYS C 24 -5.21 5.37 6.22
CA CYS C 24 -4.54 4.35 5.42
C CYS C 24 -3.45 4.92 4.52
N CYS C 25 -3.51 6.23 4.28
CA CYS C 25 -2.55 6.91 3.42
C CYS C 25 -2.47 6.29 2.05
N GLU C 26 -3.52 5.58 1.65
CA GLU C 26 -3.54 4.93 0.35
C GLU C 26 -4.44 5.70 -0.61
N GLU C 27 -5.74 5.63 -0.36
CA GLU C 27 -6.69 6.23 -1.27
C GLU C 27 -7.07 7.66 -0.90
N GLU C 28 -7.81 8.28 -1.80
CA GLU C 28 -8.15 9.68 -1.64
C GLU C 28 -9.35 9.83 -0.72
N ILE C 29 -9.31 10.87 0.07
CA ILE C 29 -10.42 11.24 0.93
C ILE C 29 -11.70 11.39 0.11
N ASN C 30 -12.77 10.76 0.57
CA ASN C 30 -14.06 10.88 -0.09
C ASN C 30 -15.19 10.76 0.93
N SER C 31 -14.90 11.18 2.16
CA SER C 31 -15.84 11.06 3.25
C SER C 31 -15.70 12.18 4.26
N THR C 32 -16.83 12.62 4.79
CA THR C 32 -16.85 13.63 5.81
C THR C 32 -17.57 13.07 7.01
N PHE C 33 -17.00 13.29 8.18
CA PHE C 33 -17.66 12.94 9.43
C PHE C 33 -18.72 13.99 9.69
N CYS C 34 -19.91 13.56 10.10
CA CYS C 34 -20.99 14.45 10.46
C CYS C 34 -21.28 14.23 11.94
N PRO C 35 -21.52 15.32 12.69
CA PRO C 35 -21.72 16.70 12.24
C PRO C 35 -20.45 17.57 12.16
N CYS C 36 -19.30 17.09 12.64
CA CYS C 36 -18.15 17.98 12.81
C CYS C 36 -17.58 18.52 11.49
N GLY C 37 -17.72 17.75 10.42
CA GLY C 37 -17.30 18.24 9.10
C GLY C 37 -15.87 17.94 8.70
N HIS C 38 -15.11 17.31 9.57
CA HIS C 38 -13.75 16.93 9.17
C HIS C 38 -13.75 15.86 8.09
N THR C 39 -12.93 16.07 7.07
CA THR C 39 -12.91 15.17 5.94
C THR C 39 -11.48 14.79 5.61
N VAL C 40 -11.09 13.65 6.18
CA VAL C 40 -9.71 13.26 6.27
C VAL C 40 -9.53 11.78 5.95
N CYS C 41 -10.65 11.08 5.69
CA CYS C 41 -10.64 9.64 5.46
C CYS C 41 -11.33 9.18 4.17
N CYS C 42 -10.88 8.03 3.66
CA CYS C 42 -11.61 7.32 2.63
C CYS C 42 -12.80 6.63 3.28
N GLU C 43 -13.67 6.04 2.48
CA GLU C 43 -14.94 5.50 3.00
C GLU C 43 -14.76 4.29 3.93
N SER C 44 -13.87 3.37 3.57
CA SER C 44 -13.66 2.20 4.40
C SER C 44 -13.01 2.53 5.74
N CYS C 45 -12.05 3.45 5.76
CA CYS C 45 -11.49 3.84 7.06
C CYS C 45 -12.52 4.57 7.92
N ALA C 46 -13.25 5.50 7.30
CA ALA C 46 -14.18 6.34 8.03
C ALA C 46 -15.26 5.48 8.69
N ALA C 47 -15.68 4.43 7.98
CA ALA C 47 -16.72 3.54 8.51
C ALA C 47 -16.34 2.81 9.81
N GLN C 48 -15.06 2.83 10.16
CA GLN C 48 -14.61 2.12 11.36
C GLN C 48 -14.31 3.05 12.52
N LEU C 49 -14.66 4.32 12.36
CA LEU C 49 -14.33 5.33 13.37
C LEU C 49 -15.59 5.91 14.02
N GLN C 50 -15.73 5.68 15.33
CA GLN C 50 -16.87 6.18 16.08
C GLN C 50 -16.59 7.60 16.58
N SER C 51 -15.31 7.97 16.58
CA SER C 51 -14.87 9.29 16.98
C SER C 51 -13.98 9.88 15.89
N CYS C 52 -14.10 11.18 15.67
CA CYS C 52 -13.29 11.84 14.65
C CYS C 52 -11.86 11.97 15.16
N PRO C 53 -10.88 11.61 14.32
CA PRO C 53 -9.49 11.62 14.81
C PRO C 53 -8.96 13.05 14.92
N VAL C 54 -9.57 13.98 14.18
CA VAL C 54 -9.16 15.38 14.27
C VAL C 54 -9.63 16.09 15.55
N CYS C 55 -10.93 16.09 15.85
CA CYS C 55 -11.45 16.83 16.99
C CYS C 55 -12.04 15.97 18.12
N ARG C 56 -12.11 14.67 17.88
CA ARG C 56 -12.56 13.68 18.87
C ARG C 56 -14.08 13.62 19.06
N SER C 57 -14.79 14.47 18.32
CA SER C 57 -16.26 14.46 18.38
C SER C 57 -16.85 13.11 17.95
N ARG C 58 -18.00 12.77 18.52
CA ARG C 58 -18.67 11.57 18.07
C ARG C 58 -19.12 11.68 16.60
N VAL C 59 -19.00 10.59 15.88
CA VAL C 59 -19.41 10.55 14.49
C VAL C 59 -20.82 9.98 14.46
N GLU C 60 -21.79 10.76 14.02
CA GLU C 60 -23.18 10.32 13.96
C GLU C 60 -23.44 9.62 12.64
N HIS C 61 -22.72 10.04 11.61
CA HIS C 61 -23.00 9.64 10.25
C HIS C 61 -21.78 10.00 9.42
N VAL C 62 -21.51 9.21 8.39
CA VAL C 62 -20.48 9.52 7.40
C VAL C 62 -21.14 9.88 6.09
N GLN C 63 -20.80 11.04 5.52
CA GLN C 63 -21.36 11.45 4.24
C GLN C 63 -20.32 11.31 3.13
N HIS C 64 -20.65 10.52 2.11
CA HIS C 64 -19.72 10.38 1.02
C HIS C 64 -19.61 11.73 0.32
N VAL C 65 -18.41 12.09 -0.10
CA VAL C 65 -18.24 13.38 -0.76
C VAL C 65 -17.37 13.26 -2.01
N TYR C 66 -17.72 14.06 -3.01
CA TYR C 66 -16.90 14.19 -4.20
C TYR C 66 -16.11 15.48 -4.10
N LEU C 67 -14.85 15.36 -3.73
CA LEU C 67 -14.01 16.54 -3.52
C LEU C 67 -13.61 17.21 -4.82
N PRO C 68 -13.56 18.56 -4.82
CA PRO C 68 -13.21 19.31 -6.03
C PRO C 68 -11.79 18.98 -6.50
N THR C 69 -10.94 18.55 -5.59
CA THR C 69 -9.55 18.26 -5.96
C THR C 69 -9.28 16.76 -6.18
N HIS C 70 -10.35 15.97 -6.22
CA HIS C 70 -10.19 14.50 -6.26
C HIS C 70 -9.85 14.00 -7.64
N THR C 71 -9.63 12.68 -7.73
CA THR C 71 -9.25 12.01 -8.98
C THR C 71 -8.09 12.76 -9.64
N SER C 72 -8.18 12.99 -10.95
CA SER C 72 -7.20 13.81 -11.65
C SER C 72 -7.62 15.29 -11.69
N GLY D 1 -2.43 -7.64 3.20
CA GLY D 1 -3.85 -7.37 3.19
C GLY D 1 -4.27 -6.54 4.39
N ALA D 2 -4.30 -7.19 5.55
CA ALA D 2 -4.80 -6.55 6.76
C ALA D 2 -3.89 -5.45 7.29
N MET D 3 -2.59 -5.59 7.08
CA MET D 3 -1.62 -4.58 7.52
C MET D 3 -1.75 -3.28 6.72
N ALA D 4 -1.73 -2.15 7.43
CA ALA D 4 -1.81 -0.85 6.77
C ALA D 4 -0.40 -0.38 6.38
N LEU D 5 0.14 -1.00 5.33
CA LEU D 5 1.55 -0.87 4.97
C LEU D 5 1.95 0.53 4.53
N LYS D 6 1.08 1.16 3.73
CA LYS D 6 1.31 2.51 3.26
C LYS D 6 1.33 3.48 4.43
N ARG D 7 0.41 3.28 5.39
CA ARG D 7 0.39 4.14 6.58
C ARG D 7 1.68 4.00 7.38
N ILE D 8 2.14 2.78 7.54
CA ILE D 8 3.37 2.53 8.28
C ILE D 8 4.59 3.08 7.53
N GLN D 9 4.63 2.89 6.21
CA GLN D 9 5.67 3.48 5.37
C GLN D 9 5.69 5.00 5.48
N LYS D 10 4.50 5.62 5.46
CA LYS D 10 4.35 7.07 5.55
C LYS D 10 4.91 7.58 6.87
N GLU D 11 4.49 6.95 7.97
CA GLU D 11 5.00 7.35 9.28
C GLU D 11 6.52 7.25 9.33
N LEU D 12 7.05 6.15 8.82
CA LEU D 12 8.48 5.92 8.89
C LEU D 12 9.22 7.03 8.18
N SER D 13 8.74 7.40 6.99
CA SER D 13 9.34 8.49 6.22
C SER D 13 9.25 9.85 6.95
N ASP D 14 8.08 10.20 7.45
CA ASP D 14 7.93 11.45 8.22
C ASP D 14 8.85 11.47 9.43
N LEU D 15 8.85 10.37 10.19
CA LEU D 15 9.69 10.26 11.36
C LEU D 15 11.15 10.45 10.99
N GLN D 16 11.63 9.71 10.01
CA GLN D 16 13.07 9.76 9.69
C GLN D 16 13.48 11.12 9.16
N ARG D 17 12.55 11.81 8.48
CA ARG D 17 12.82 13.14 7.96
C ARG D 17 12.87 14.19 9.07
N ASP D 18 11.97 14.09 10.04
CA ASP D 18 11.92 15.05 11.15
C ASP D 18 11.80 14.39 12.53
N PRO D 19 12.88 13.75 13.01
CA PRO D 19 12.83 12.98 14.25
C PRO D 19 12.67 13.85 15.48
N PRO D 20 11.85 13.40 16.44
CA PRO D 20 11.76 14.12 17.72
C PRO D 20 13.15 14.19 18.34
N ALA D 21 13.42 15.22 19.14
CA ALA D 21 14.72 15.33 19.80
C ALA D 21 15.06 14.06 20.58
N HIS D 22 16.32 13.66 20.55
CA HIS D 22 16.83 12.53 21.35
C HIS D 22 16.42 11.16 20.84
N CYS D 23 15.69 11.12 19.73
CA CYS D 23 15.18 9.85 19.19
C CYS D 23 15.67 9.50 17.80
N SER D 24 15.67 8.20 17.53
CA SER D 24 15.93 7.62 16.21
C SER D 24 15.08 6.38 16.06
N ALA D 25 14.61 6.11 14.84
CA ALA D 25 13.92 4.85 14.60
C ALA D 25 14.08 4.36 13.16
N GLY D 26 13.97 3.04 12.99
CA GLY D 26 14.11 2.41 11.70
C GLY D 26 13.65 0.96 11.81
N PRO D 27 13.28 0.36 10.68
CA PRO D 27 12.86 -1.03 10.68
C PRO D 27 14.03 -1.95 11.02
N VAL D 28 13.72 -3.10 11.62
CA VAL D 28 14.71 -4.15 11.83
C VAL D 28 14.89 -4.94 10.54
N GLY D 29 16.08 -4.84 9.94
CA GLY D 29 16.29 -5.40 8.63
C GLY D 29 15.36 -4.74 7.64
N ASP D 30 14.72 -5.54 6.80
CA ASP D 30 13.68 -5.05 5.91
C ASP D 30 12.28 -5.29 6.48
N ASP D 31 12.18 -5.57 7.78
CA ASP D 31 10.87 -5.80 8.36
C ASP D 31 10.17 -4.49 8.71
N LEU D 32 9.29 -4.04 7.82
CA LEU D 32 8.56 -2.79 8.00
C LEU D 32 7.58 -2.84 9.18
N PHE D 33 7.23 -4.03 9.64
CA PHE D 33 6.26 -4.16 10.71
C PHE D 33 6.92 -4.31 12.08
N HIS D 34 8.25 -4.22 12.10
CA HIS D 34 9.03 -4.29 13.32
C HIS D 34 10.11 -3.21 13.27
N TRP D 35 9.98 -2.20 14.13
CA TRP D 35 10.98 -1.14 14.18
C TRP D 35 11.77 -1.25 15.46
N GLN D 36 12.98 -0.73 15.43
CA GLN D 36 13.71 -0.47 16.65
C GLN D 36 13.87 1.03 16.79
N ALA D 37 13.55 1.55 17.97
CA ALA D 37 13.81 2.95 18.27
C ALA D 37 14.91 3.02 19.30
N THR D 38 15.71 4.07 19.23
CA THR D 38 16.65 4.39 20.31
C THR D 38 16.52 5.84 20.79
N ILE D 39 16.59 6.00 22.09
CA ILE D 39 16.49 7.30 22.74
C ILE D 39 17.78 7.50 23.51
N MET D 40 18.40 8.67 23.32
CA MET D 40 19.56 9.08 24.10
C MET D 40 18.99 9.83 25.29
N GLY D 41 19.30 9.35 26.51
CA GLY D 41 18.79 9.98 27.72
C GLY D 41 18.96 11.50 27.66
N PRO D 42 17.88 12.25 27.88
CA PRO D 42 18.03 13.70 27.72
C PRO D 42 19.02 14.28 28.72
N PRO D 43 19.84 15.24 28.28
CA PRO D 43 20.83 15.87 29.15
C PRO D 43 20.10 16.57 30.29
N ASP D 44 20.68 16.58 31.48
CA ASP D 44 20.01 17.20 32.62
C ASP D 44 18.87 16.35 33.17
N SER D 45 18.53 15.25 32.48
CA SER D 45 17.68 14.24 33.08
C SER D 45 18.58 13.27 33.85
N ALA D 46 17.98 12.44 34.71
CA ALA D 46 18.73 11.40 35.41
C ALA D 46 19.33 10.38 34.44
N TYR D 47 18.77 10.31 33.22
CA TYR D 47 19.14 9.28 32.23
C TYR D 47 20.18 9.75 31.22
N GLN D 48 20.70 10.97 31.41
CA GLN D 48 21.72 11.52 30.51
C GLN D 48 22.87 10.54 30.31
N GLY D 49 23.35 10.44 29.07
CA GLY D 49 24.42 9.52 28.76
C GLY D 49 23.98 8.08 28.55
N GLY D 50 22.70 7.79 28.78
CA GLY D 50 22.18 6.45 28.59
C GLY D 50 21.69 6.25 27.16
N VAL D 51 21.85 5.04 26.63
CA VAL D 51 21.24 4.68 25.34
C VAL D 51 20.15 3.63 25.57
N PHE D 52 18.93 3.94 25.16
CA PHE D 52 17.79 3.09 25.43
C PHE D 52 17.16 2.62 24.15
N PHE D 53 17.05 1.30 24.01
CA PHE D 53 16.51 0.69 22.80
C PHE D 53 15.09 0.22 23.05
N LEU D 54 14.21 0.52 22.10
CA LEU D 54 12.82 0.15 22.21
C LEU D 54 12.44 -0.69 21.02
N THR D 55 11.48 -1.57 21.24
CA THR D 55 10.96 -2.41 20.18
C THR D 55 9.56 -1.93 19.80
N VAL D 56 9.30 -1.81 18.51
CA VAL D 56 8.00 -1.37 18.02
C VAL D 56 7.35 -2.44 17.12
N HIS D 57 6.18 -2.93 17.52
CA HIS D 57 5.41 -3.81 16.66
C HIS D 57 4.03 -3.21 16.36
N PHE D 58 3.54 -3.46 15.15
CA PHE D 58 2.25 -2.93 14.72
C PHE D 58 1.18 -4.03 14.70
N PRO D 59 0.10 -3.83 15.46
CA PRO D 59 -0.96 -4.86 15.46
C PRO D 59 -1.65 -4.93 14.08
N THR D 60 -2.45 -5.97 13.84
CA THR D 60 -3.11 -6.13 12.54
C THR D 60 -4.12 -5.02 12.25
N ASP D 61 -4.75 -4.47 13.28
CA ASP D 61 -5.63 -3.32 13.09
C ASP D 61 -4.99 -1.93 13.32
N TYR D 62 -3.67 -1.83 13.23
CA TYR D 62 -3.03 -0.50 13.23
C TYR D 62 -3.53 0.23 12.00
N PRO D 63 -3.82 1.54 12.10
CA PRO D 63 -3.61 2.43 13.25
C PRO D 63 -4.90 2.78 13.97
N PHE D 64 -5.91 1.94 13.83
CA PHE D 64 -7.09 2.05 14.66
C PHE D 64 -6.75 1.70 16.11
N LYS D 65 -5.76 0.84 16.30
CA LYS D 65 -5.29 0.43 17.62
C LYS D 65 -3.82 0.82 17.78
N PRO D 66 -3.35 0.99 19.02
CA PRO D 66 -2.01 1.57 19.21
C PRO D 66 -0.90 0.61 18.79
N PRO D 67 0.30 1.15 18.54
CA PRO D 67 1.45 0.30 18.29
C PRO D 67 1.86 -0.37 19.61
N LYS D 68 2.58 -1.48 19.53
CA LYS D 68 3.09 -2.11 20.74
C LYS D 68 4.56 -1.72 20.89
N ILE D 69 4.86 -0.97 21.96
CA ILE D 69 6.19 -0.39 22.15
C ILE D 69 6.68 -0.68 23.56
N ALA D 70 7.84 -1.30 23.65
CA ALA D 70 8.43 -1.58 24.95
C ALA D 70 9.93 -1.30 24.95
N PHE D 71 10.47 -0.89 26.10
CA PHE D 71 11.90 -0.81 26.28
C PHE D 71 12.48 -2.21 26.30
N THR D 72 13.57 -2.42 25.59
CA THR D 72 14.33 -3.64 25.79
C THR D 72 15.48 -3.35 26.74
N THR D 73 15.90 -2.10 26.80
CA THR D 73 16.92 -1.71 27.77
C THR D 73 16.28 -1.51 29.13
N LYS D 74 16.90 -2.07 30.16
CA LYS D 74 16.42 -1.91 31.53
C LYS D 74 16.55 -0.47 32.04
N ILE D 75 15.56 -0.02 32.79
CA ILE D 75 15.53 1.38 33.23
C ILE D 75 14.74 1.54 34.52
N TYR D 76 15.25 2.43 35.37
CA TYR D 76 14.64 2.75 36.65
C TYR D 76 13.69 3.96 36.50
N HIS D 77 12.38 3.71 36.52
CA HIS D 77 11.38 4.72 36.17
C HIS D 77 9.99 4.27 36.64
N PRO D 78 9.21 5.17 37.26
CA PRO D 78 7.87 4.83 37.75
C PRO D 78 6.88 4.37 36.67
N ASN D 79 7.09 4.78 35.42
CA ASN D 79 6.13 4.51 34.36
C ASN D 79 6.57 3.38 33.44
N ILE D 80 7.65 2.70 33.79
CA ILE D 80 8.19 1.64 32.95
C ILE D 80 8.63 0.47 33.83
N ASN D 81 8.10 -0.74 33.58
CA ASN D 81 8.45 -1.91 34.41
C ASN D 81 9.68 -2.73 33.94
N SER D 82 9.99 -3.81 34.67
CA SER D 82 11.15 -4.62 34.38
C SER D 82 11.00 -5.40 33.08
N ASN D 83 9.78 -5.42 32.56
CA ASN D 83 9.54 -6.03 31.25
C ASN D 83 9.66 -4.99 30.14
N GLY D 84 9.85 -3.74 30.54
CA GLY D 84 10.00 -2.65 29.59
C GLY D 84 8.68 -2.13 29.09
N SER D 85 7.58 -2.58 29.70
CA SER D 85 6.26 -2.07 29.34
C SER D 85 6.16 -0.63 29.82
N ILE D 86 5.46 0.19 29.05
CA ILE D 86 5.41 1.64 29.28
C ILE D 86 3.98 2.03 29.59
N CYS D 87 3.76 2.59 30.78
CA CYS D 87 2.46 3.10 31.15
C CYS D 87 2.22 4.49 30.57
N LEU D 88 1.51 4.56 29.46
CA LEU D 88 1.22 5.84 28.83
C LEU D 88 -0.16 5.76 28.19
N ASP D 89 -0.98 6.78 28.43
CA ASP D 89 -2.38 6.74 28.00
C ASP D 89 -2.57 6.53 26.50
N ILE D 90 -1.75 7.18 25.68
CA ILE D 90 -1.91 7.11 24.23
C ILE D 90 -1.46 5.77 23.67
N LEU D 91 -0.95 4.90 24.54
CA LEU D 91 -0.58 3.53 24.17
C LEU D 91 -1.69 2.58 24.57
N ARG D 92 -2.72 3.13 25.20
CA ARG D 92 -3.87 2.35 25.67
C ARG D 92 -5.15 2.93 25.08
N SER D 93 -6.12 3.25 25.95
CA SER D 93 -7.42 3.75 25.52
C SER D 93 -7.36 5.06 24.73
N GLN D 94 -6.39 5.92 25.02
CA GLN D 94 -6.32 7.22 24.38
C GLN D 94 -5.68 7.24 22.99
N TRP D 95 -5.29 6.09 22.44
CA TRP D 95 -4.75 6.08 21.10
C TRP D 95 -5.81 6.49 20.06
N SER D 96 -5.38 7.16 19.00
CA SER D 96 -6.24 7.39 17.85
C SER D 96 -5.36 7.38 16.62
N PRO D 97 -5.95 7.19 15.43
CA PRO D 97 -5.12 7.21 14.22
C PRO D 97 -4.50 8.56 13.90
N ALA D 98 -4.89 9.62 14.60
CA ALA D 98 -4.24 10.89 14.40
C ALA D 98 -2.84 10.89 15.04
N LEU D 99 -2.64 10.00 16.01
CA LEU D 99 -1.34 9.84 16.67
C LEU D 99 -0.41 8.98 15.82
N THR D 100 0.87 8.97 16.19
CA THR D 100 1.88 8.27 15.42
C THR D 100 2.95 7.73 16.35
N VAL D 101 3.76 6.82 15.84
CA VAL D 101 4.90 6.32 16.59
C VAL D 101 5.81 7.46 17.06
N SER D 102 6.08 8.40 16.18
CA SER D 102 6.86 9.61 16.47
C SER D 102 6.37 10.37 17.72
N LYS D 103 5.07 10.63 17.78
CA LYS D 103 4.46 11.24 18.96
C LYS D 103 4.58 10.41 20.23
N VAL D 104 4.57 9.08 20.10
CA VAL D 104 4.73 8.28 21.30
C VAL D 104 6.16 8.44 21.83
N LEU D 105 7.14 8.42 20.93
CA LEU D 105 8.54 8.62 21.30
C LEU D 105 8.73 9.98 21.97
N LEU D 106 8.11 11.01 21.38
CA LEU D 106 8.04 12.35 21.99
C LEU D 106 7.54 12.30 23.43
N SER D 107 6.39 11.66 23.66
CA SER D 107 5.86 11.52 25.02
C SER D 107 6.80 10.74 25.92
N ILE D 108 7.45 9.71 25.39
CA ILE D 108 8.35 8.92 26.24
C ILE D 108 9.53 9.78 26.72
N CYS D 109 10.12 10.55 25.80
CA CYS D 109 11.21 11.44 26.18
C CYS D 109 10.74 12.44 27.23
N SER D 110 9.52 12.94 27.05
CA SER D 110 8.93 13.84 28.04
C SER D 110 8.84 13.15 29.40
N LEU D 111 8.50 11.87 29.38
CA LEU D 111 8.38 11.07 30.60
C LEU D 111 9.75 10.84 31.26
N LEU D 112 10.79 10.70 30.46
CA LEU D 112 12.14 10.59 31.00
C LEU D 112 12.59 11.85 31.74
N CYS D 113 12.16 13.02 31.26
CA CYS D 113 12.53 14.28 31.88
C CYS D 113 11.66 14.53 33.09
N ASP D 114 10.40 14.13 33.01
CA ASP D 114 9.44 14.31 34.10
C ASP D 114 8.51 13.09 34.25
N PRO D 115 8.91 12.13 35.08
CA PRO D 115 8.08 10.94 35.29
C PRO D 115 6.66 11.30 35.71
N ASN D 116 5.69 10.46 35.41
CA ASN D 116 4.30 10.74 35.78
C ASN D 116 3.84 9.87 36.96
N PRO D 117 3.98 10.38 38.20
CA PRO D 117 3.68 9.54 39.36
C PRO D 117 2.19 9.24 39.51
N ASP D 118 1.37 9.86 38.66
CA ASP D 118 -0.07 9.58 38.64
C ASP D 118 -0.41 8.32 37.85
N ASP D 119 0.55 7.84 37.07
CA ASP D 119 0.41 6.61 36.28
C ASP D 119 1.47 5.60 36.69
N PRO D 120 1.49 5.20 37.97
CA PRO D 120 2.61 4.37 38.39
C PRO D 120 2.50 2.92 37.90
N LEU D 121 3.42 2.52 37.03
CA LEU D 121 3.57 1.12 36.70
C LEU D 121 4.40 0.43 37.78
N VAL D 122 5.35 1.17 38.35
CA VAL D 122 6.17 0.66 39.45
C VAL D 122 5.97 1.54 40.68
N PRO D 123 5.01 1.15 41.53
CA PRO D 123 4.50 1.91 42.68
C PRO D 123 5.57 2.41 43.64
N ASP D 124 6.50 1.55 44.01
CA ASP D 124 7.54 1.93 44.95
C ASP D 124 8.49 2.96 44.34
N ILE D 125 8.69 2.90 43.03
CA ILE D 125 9.53 3.91 42.38
C ILE D 125 8.81 5.27 42.33
N ALA D 126 7.50 5.25 42.07
CA ALA D 126 6.69 6.46 42.06
C ALA D 126 6.69 7.16 43.42
N GLN D 127 6.62 6.37 44.49
CA GLN D 127 6.70 6.92 45.84
C GLN D 127 8.03 7.63 46.05
N ILE D 128 9.12 6.99 45.64
CA ILE D 128 10.45 7.59 45.73
C ILE D 128 10.52 8.91 44.96
N TYR D 129 9.91 8.92 43.76
CA TYR D 129 9.90 10.12 42.94
C TYR D 129 9.21 11.28 43.64
N LYS D 130 8.07 11.03 44.28
CA LYS D 130 7.35 12.08 44.99
C LYS D 130 8.04 12.54 46.27
N SER D 131 8.57 11.58 47.04
CA SER D 131 9.00 11.82 48.42
C SER D 131 10.49 12.03 48.64
N ASP D 132 11.32 11.52 47.73
CA ASP D 132 12.76 11.69 47.86
C ASP D 132 13.42 11.76 46.50
N LYS D 133 13.17 12.84 45.77
CA LYS D 133 13.68 13.00 44.41
C LYS D 133 15.17 12.71 44.27
N GLU D 134 15.93 13.02 45.31
CA GLU D 134 17.38 12.85 45.27
C GLU D 134 17.75 11.37 45.30
N LYS D 135 17.03 10.58 46.09
CA LYS D 135 17.25 9.14 46.05
C LYS D 135 16.82 8.62 44.67
N TYR D 136 15.71 9.14 44.17
CA TYR D 136 15.25 8.79 42.83
C TYR D 136 16.34 9.03 41.80
N ASN D 137 16.78 10.28 41.69
CA ASN D 137 17.81 10.66 40.73
C ASN D 137 19.05 9.79 40.88
N ARG D 138 19.48 9.60 42.11
CA ARG D 138 20.59 8.71 42.42
C ARG D 138 20.40 7.29 41.85
N HIS D 139 19.27 6.65 42.17
CA HIS D 139 19.02 5.32 41.63
C HIS D 139 18.89 5.32 40.11
N ALA D 140 18.17 6.31 39.58
CA ALA D 140 17.96 6.39 38.14
C ALA D 140 19.29 6.49 37.41
N ARG D 141 20.21 7.31 37.93
CA ARG D 141 21.56 7.43 37.37
C ARG D 141 22.36 6.15 37.46
N GLU D 142 22.33 5.52 38.64
CA GLU D 142 23.02 4.25 38.86
C GLU D 142 22.56 3.18 37.86
N TRP D 143 21.25 3.04 37.68
CA TRP D 143 20.71 2.10 36.69
C TRP D 143 21.10 2.48 35.24
N THR D 144 21.10 3.78 34.92
CA THR D 144 21.55 4.23 33.60
C THR D 144 23.02 3.82 33.35
N GLN D 145 23.85 4.04 34.36
CA GLN D 145 25.27 3.71 34.24
C GLN D 145 25.46 2.20 34.11
N LYS D 146 24.67 1.44 34.86
CA LYS D 146 24.79 -0.01 34.91
C LYS D 146 24.21 -0.69 33.66
N TYR D 147 23.05 -0.23 33.20
CA TYR D 147 22.32 -0.95 32.17
C TYR D 147 22.24 -0.30 30.79
N ALA D 148 22.53 1.00 30.70
CA ALA D 148 22.26 1.76 29.47
C ALA D 148 23.49 2.51 28.97
N MET D 149 24.65 2.10 29.47
CA MET D 149 25.91 2.65 29.02
C MET D 149 26.89 1.51 28.72
N ARG E 6 26.96 -3.80 -10.02
CA ARG E 6 27.09 -5.15 -10.54
C ARG E 6 25.95 -5.47 -11.49
N VAL E 7 24.80 -4.85 -11.25
CA VAL E 7 23.61 -5.07 -12.07
C VAL E 7 23.02 -6.46 -11.87
N LEU E 8 23.67 -7.25 -11.01
CA LEU E 8 23.13 -8.54 -10.58
C LEU E 8 22.16 -8.30 -9.42
N GLN E 9 22.06 -7.04 -9.03
CA GLN E 9 21.15 -6.60 -7.98
C GLN E 9 19.68 -6.78 -8.41
N GLU E 10 19.47 -6.99 -9.71
CA GLU E 10 18.15 -7.24 -10.23
C GLU E 10 17.65 -8.61 -9.77
N LYS E 11 18.59 -9.49 -9.43
CA LYS E 11 18.25 -10.80 -8.88
C LYS E 11 17.73 -10.67 -7.45
N LEU E 12 18.50 -10.03 -6.60
CA LEU E 12 18.10 -9.81 -5.21
C LEU E 12 16.68 -9.24 -5.12
N ARG E 13 16.37 -8.33 -6.05
CA ARG E 13 15.09 -7.64 -6.04
C ARG E 13 13.93 -8.58 -6.33
N LYS E 14 14.14 -9.54 -7.23
CA LYS E 14 13.08 -10.44 -7.65
C LYS E 14 12.81 -11.56 -6.66
N LEU E 15 13.85 -11.99 -5.95
CA LEU E 15 13.67 -12.97 -4.87
C LEU E 15 12.90 -12.28 -3.74
N LYS E 16 13.15 -10.99 -3.55
CA LYS E 16 12.48 -10.21 -2.53
C LYS E 16 11.00 -10.00 -2.85
N GLU E 17 10.71 -9.55 -4.06
CA GLU E 17 9.33 -9.44 -4.51
C GLU E 17 8.59 -10.77 -4.43
N ALA E 18 9.34 -11.87 -4.60
CA ALA E 18 8.74 -13.20 -4.63
C ALA E 18 8.16 -13.57 -3.27
N MET E 19 8.65 -12.93 -2.22
CA MET E 19 8.20 -13.14 -0.85
C MET E 19 6.90 -12.40 -0.53
N LEU E 20 6.46 -11.54 -1.45
CA LEU E 20 5.24 -10.75 -1.21
C LEU E 20 3.97 -11.44 -1.73
N CYS E 21 2.91 -11.41 -0.94
CA CYS E 21 1.62 -11.99 -1.31
C CYS E 21 1.27 -11.66 -2.76
N MET E 22 0.79 -12.65 -3.51
CA MET E 22 0.48 -12.42 -4.91
C MET E 22 -0.84 -11.67 -5.06
N VAL E 23 -1.65 -11.69 -4.01
CA VAL E 23 -2.95 -11.05 -4.08
C VAL E 23 -2.85 -9.57 -3.77
N CYS E 24 -2.26 -9.24 -2.62
CA CYS E 24 -2.22 -7.84 -2.19
C CYS E 24 -0.90 -7.15 -2.55
N CYS E 25 0.15 -7.93 -2.78
CA CYS E 25 1.46 -7.40 -3.09
C CYS E 25 1.98 -6.50 -2.00
N GLU E 26 1.37 -6.61 -0.82
CA GLU E 26 1.64 -5.72 0.30
C GLU E 26 2.53 -6.39 1.31
N GLU E 27 2.01 -7.41 1.98
CA GLU E 27 2.78 -8.09 3.02
C GLU E 27 3.39 -9.40 2.57
N GLU E 28 4.30 -9.91 3.39
CA GLU E 28 5.01 -11.13 3.07
C GLU E 28 4.12 -12.35 3.19
N ILE E 29 4.41 -13.31 2.34
CA ILE E 29 3.72 -14.60 2.36
C ILE E 29 3.97 -15.31 3.69
N ASN E 30 2.91 -15.80 4.32
CA ASN E 30 3.04 -16.54 5.57
C ASN E 30 1.94 -17.58 5.71
N SER E 31 1.39 -18.01 4.58
CA SER E 31 0.27 -18.94 4.52
C SER E 31 0.47 -19.98 3.42
N THR E 32 0.04 -21.21 3.73
CA THR E 32 0.08 -22.32 2.77
C THR E 32 -1.33 -22.88 2.63
N PHE E 33 -1.78 -23.02 1.39
CA PHE E 33 -3.04 -23.71 1.09
C PHE E 33 -2.83 -25.22 1.20
N CYS E 34 -3.72 -25.88 1.93
CA CYS E 34 -3.69 -27.34 2.07
C CYS E 34 -4.87 -27.94 1.31
N PRO E 35 -4.66 -29.06 0.61
CA PRO E 35 -3.42 -29.87 0.59
C PRO E 35 -2.43 -29.54 -0.51
N CYS E 36 -2.76 -28.63 -1.43
CA CYS E 36 -1.90 -28.43 -2.59
C CYS E 36 -0.50 -27.91 -2.24
N GLY E 37 -0.42 -27.10 -1.19
CA GLY E 37 0.88 -26.66 -0.70
C GLY E 37 1.46 -25.44 -1.36
N HIS E 38 0.72 -24.82 -2.28
CA HIS E 38 1.16 -23.54 -2.78
C HIS E 38 1.16 -22.47 -1.68
N THR E 39 2.21 -21.67 -1.67
CA THR E 39 2.48 -20.79 -0.54
C THR E 39 2.72 -19.41 -1.11
N VAL E 40 1.64 -18.68 -1.34
CA VAL E 40 1.73 -17.48 -2.16
C VAL E 40 0.94 -16.28 -1.61
N CYS E 41 0.30 -16.45 -0.46
CA CYS E 41 -0.54 -15.41 0.11
C CYS E 41 -0.21 -15.13 1.57
N CYS E 42 -0.53 -13.93 2.02
CA CYS E 42 -0.51 -13.66 3.45
C CYS E 42 -1.78 -14.29 4.03
N GLU E 43 -1.89 -14.36 5.35
CA GLU E 43 -3.04 -15.02 5.97
C GLU E 43 -4.36 -14.37 5.58
N SER E 44 -4.37 -13.05 5.53
CA SER E 44 -5.62 -12.35 5.32
C SER E 44 -6.17 -12.58 3.91
N CYS E 45 -5.32 -12.51 2.89
CA CYS E 45 -5.79 -12.86 1.55
C CYS E 45 -6.15 -14.35 1.39
N ALA E 46 -5.32 -15.21 1.96
CA ALA E 46 -5.50 -16.65 1.81
C ALA E 46 -6.82 -17.03 2.44
N ALA E 47 -7.19 -16.32 3.49
CA ALA E 47 -8.42 -16.63 4.21
C ALA E 47 -9.66 -16.45 3.33
N GLN E 48 -9.55 -15.67 2.25
CA GLN E 48 -10.71 -15.36 1.41
C GLN E 48 -10.80 -16.22 0.14
N LEU E 49 -9.91 -17.19 -0.01
CA LEU E 49 -9.82 -17.92 -1.26
C LEU E 49 -10.27 -19.37 -1.10
N GLN E 50 -11.26 -19.73 -1.89
CA GLN E 50 -11.83 -21.06 -1.92
C GLN E 50 -11.04 -22.00 -2.84
N SER E 51 -10.36 -21.42 -3.81
CA SER E 51 -9.55 -22.19 -4.78
C SER E 51 -8.16 -21.57 -4.86
N CYS E 52 -7.15 -22.42 -4.98
CA CYS E 52 -5.79 -21.96 -5.05
C CYS E 52 -5.63 -21.12 -6.32
N PRO E 53 -5.01 -19.95 -6.22
CA PRO E 53 -4.93 -19.13 -7.44
C PRO E 53 -3.89 -19.71 -8.40
N VAL E 54 -2.94 -20.46 -7.86
CA VAL E 54 -1.88 -21.04 -8.69
C VAL E 54 -2.34 -22.26 -9.48
N CYS E 55 -2.95 -23.23 -8.81
CA CYS E 55 -3.29 -24.51 -9.43
C CYS E 55 -4.79 -24.77 -9.54
N ARG E 56 -5.59 -23.88 -8.96
CA ARG E 56 -7.05 -23.96 -9.01
C ARG E 56 -7.67 -25.07 -8.16
N SER E 57 -6.85 -25.75 -7.37
CA SER E 57 -7.34 -26.79 -6.49
C SER E 57 -8.13 -26.19 -5.33
N ARG E 58 -9.13 -26.93 -4.87
CA ARG E 58 -9.90 -26.53 -3.71
C ARG E 58 -8.99 -26.36 -2.51
N VAL E 59 -9.25 -25.34 -1.70
CA VAL E 59 -8.49 -25.11 -0.47
C VAL E 59 -9.25 -25.71 0.71
N GLU E 60 -8.73 -26.79 1.28
CA GLU E 60 -9.41 -27.44 2.40
C GLU E 60 -9.08 -26.75 3.71
N HIS E 61 -7.91 -26.11 3.76
CA HIS E 61 -7.42 -25.51 4.98
C HIS E 61 -6.24 -24.59 4.69
N VAL E 62 -6.10 -23.54 5.48
CA VAL E 62 -4.93 -22.67 5.38
C VAL E 62 -4.06 -22.89 6.61
N GLN E 63 -2.78 -23.12 6.37
CA GLN E 63 -1.86 -23.36 7.47
C GLN E 63 -0.89 -22.21 7.47
N HIS E 64 -0.76 -21.57 8.63
CA HIS E 64 0.17 -20.47 8.79
C HIS E 64 1.60 -20.98 8.78
N VAL E 65 2.50 -20.24 8.16
CA VAL E 65 3.88 -20.68 8.07
C VAL E 65 4.88 -19.57 8.33
N TYR E 66 5.92 -19.93 9.06
CA TYR E 66 7.08 -19.07 9.27
C TYR E 66 8.13 -19.45 8.23
N LEU E 67 8.22 -18.68 7.16
CA LEU E 67 9.16 -18.97 6.10
C LEU E 67 10.60 -18.64 6.49
N PRO E 68 11.57 -19.37 5.91
CA PRO E 68 12.97 -19.15 6.27
C PRO E 68 13.51 -17.83 5.73
N THR E 69 12.89 -17.33 4.65
CA THR E 69 13.32 -16.11 3.99
C THR E 69 12.47 -14.94 4.44
N HIS E 70 11.59 -15.18 5.39
CA HIS E 70 10.73 -14.12 5.88
C HIS E 70 11.64 -13.03 6.47
N THR E 71 11.40 -11.80 6.04
CA THR E 71 12.22 -10.66 6.41
C THR E 71 12.39 -10.54 7.92
N SER E 72 11.38 -11.02 8.66
CA SER E 72 11.41 -10.99 10.12
C SER E 72 12.47 -11.93 10.70
N LEU E 73 12.80 -12.99 9.97
CA LEU E 73 13.79 -13.98 10.44
C LEU E 73 15.13 -13.84 9.70
N LEU E 74 15.11 -13.26 8.51
CA LEU E 74 16.28 -13.22 7.65
C LEU E 74 16.56 -11.79 7.17
N ASN E 75 17.72 -11.26 7.53
CA ASN E 75 18.08 -9.90 7.15
C ASN E 75 18.52 -9.76 5.68
N GLY F 1 -8.02 2.23 2.23
CA GLY F 1 -8.60 1.15 2.99
C GLY F 1 -8.85 -0.12 2.19
N ALA F 2 -10.06 -0.26 1.68
CA ALA F 2 -10.49 -1.48 0.99
C ALA F 2 -9.73 -1.72 -0.30
N MET F 3 -9.50 -0.66 -1.07
CA MET F 3 -8.82 -0.76 -2.36
C MET F 3 -7.41 -1.33 -2.28
N ALA F 4 -7.13 -2.30 -3.15
CA ALA F 4 -5.82 -2.96 -3.17
C ALA F 4 -4.83 -2.14 -3.98
N LEU F 5 -4.32 -1.07 -3.37
CA LEU F 5 -3.49 -0.11 -4.07
C LEU F 5 -2.15 -0.68 -4.50
N LYS F 6 -1.46 -1.36 -3.60
CA LYS F 6 -0.16 -1.92 -3.98
C LYS F 6 -0.29 -2.95 -5.11
N ARG F 7 -1.36 -3.76 -5.08
CA ARG F 7 -1.60 -4.71 -6.15
C ARG F 7 -1.74 -3.97 -7.49
N ILE F 8 -2.63 -2.97 -7.51
CA ILE F 8 -2.91 -2.19 -8.72
C ILE F 8 -1.66 -1.45 -9.22
N GLN F 9 -0.87 -0.89 -8.30
CA GLN F 9 0.38 -0.22 -8.67
C GLN F 9 1.40 -1.19 -9.25
N LYS F 10 1.50 -2.38 -8.65
CA LYS F 10 2.43 -3.38 -9.17
C LYS F 10 1.99 -3.86 -10.56
N GLU F 11 0.68 -4.05 -10.73
CA GLU F 11 0.17 -4.40 -12.06
C GLU F 11 0.58 -3.34 -13.08
N LEU F 12 0.43 -2.07 -12.71
CA LEU F 12 0.63 -0.99 -13.67
C LEU F 12 2.10 -0.96 -14.08
N SER F 13 2.96 -1.12 -13.09
CA SER F 13 4.39 -1.12 -13.31
C SER F 13 4.86 -2.29 -14.21
N ASP F 14 4.36 -3.51 -13.94
CA ASP F 14 4.70 -4.66 -14.79
C ASP F 14 4.18 -4.52 -16.22
N LEU F 15 2.94 -4.06 -16.36
CA LEU F 15 2.31 -3.89 -17.67
C LEU F 15 3.09 -2.84 -18.47
N GLN F 16 3.44 -1.72 -17.84
CA GLN F 16 4.09 -0.64 -18.57
C GLN F 16 5.52 -0.99 -18.94
N ARG F 17 6.16 -1.84 -18.15
CA ARG F 17 7.49 -2.36 -18.48
C ARG F 17 7.45 -3.39 -19.61
N ASP F 18 6.41 -4.22 -19.65
CA ASP F 18 6.32 -5.26 -20.68
C ASP F 18 4.90 -5.43 -21.23
N PRO F 19 4.43 -4.44 -22.01
CA PRO F 19 3.03 -4.51 -22.46
C PRO F 19 2.79 -5.60 -23.50
N PRO F 20 1.59 -6.16 -23.52
CA PRO F 20 1.24 -7.04 -24.64
C PRO F 20 1.33 -6.29 -25.97
N ALA F 21 1.66 -7.02 -27.03
CA ALA F 21 1.68 -6.48 -28.38
C ALA F 21 0.42 -5.67 -28.63
N HIS F 22 0.58 -4.57 -29.36
CA HIS F 22 -0.55 -3.75 -29.83
C HIS F 22 -1.24 -2.97 -28.72
N CYS F 23 -0.68 -3.04 -27.51
CA CYS F 23 -1.35 -2.46 -26.34
C CYS F 23 -0.54 -1.40 -25.61
N SER F 24 -1.28 -0.48 -24.99
CA SER F 24 -0.69 0.52 -24.10
C SER F 24 -1.72 0.89 -23.03
N ALA F 25 -1.26 1.18 -21.82
CA ALA F 25 -2.18 1.56 -20.75
C ALA F 25 -1.54 2.48 -19.73
N GLY F 26 -2.35 3.33 -19.13
CA GLY F 26 -1.90 4.22 -18.10
C GLY F 26 -3.09 4.73 -17.33
N PRO F 27 -2.85 5.28 -16.15
CA PRO F 27 -3.94 5.85 -15.38
C PRO F 27 -4.47 7.12 -16.05
N VAL F 28 -5.76 7.38 -15.89
CA VAL F 28 -6.33 8.67 -16.30
C VAL F 28 -5.93 9.70 -15.22
N GLY F 29 -5.05 10.62 -15.60
CA GLY F 29 -4.52 11.60 -14.66
C GLY F 29 -3.68 10.95 -13.58
N ASP F 30 -3.88 11.37 -12.34
CA ASP F 30 -3.20 10.73 -11.20
C ASP F 30 -4.09 9.68 -10.56
N ASP F 31 -5.19 9.32 -11.23
CA ASP F 31 -6.15 8.36 -10.71
C ASP F 31 -5.70 6.92 -11.00
N LEU F 32 -5.19 6.24 -9.96
CA LEU F 32 -4.70 4.87 -10.10
C LEU F 32 -5.80 3.85 -10.25
N PHE F 33 -7.03 4.22 -9.90
CA PHE F 33 -8.13 3.28 -9.95
C PHE F 33 -8.96 3.40 -11.21
N HIS F 34 -8.48 4.21 -12.15
CA HIS F 34 -9.14 4.36 -13.44
C HIS F 34 -8.07 4.42 -14.52
N TRP F 35 -7.95 3.36 -15.31
CA TRP F 35 -6.97 3.36 -16.39
C TRP F 35 -7.63 3.54 -17.74
N GLN F 36 -6.87 4.02 -18.70
CA GLN F 36 -7.26 3.93 -20.09
C GLN F 36 -6.27 3.02 -20.81
N ALA F 37 -6.77 2.06 -21.55
CA ALA F 37 -5.89 1.23 -22.35
C ALA F 37 -6.16 1.56 -23.81
N THR F 38 -5.16 1.46 -24.65
CA THR F 38 -5.42 1.60 -26.07
C THR F 38 -4.85 0.42 -26.82
N ILE F 39 -5.62 -0.05 -27.79
CA ILE F 39 -5.23 -1.17 -28.62
C ILE F 39 -5.18 -0.70 -30.05
N MET F 40 -4.04 -0.92 -30.69
CA MET F 40 -3.90 -0.71 -32.11
C MET F 40 -4.37 -1.98 -32.83
N GLY F 41 -5.34 -1.86 -33.73
CA GLY F 41 -5.89 -3.02 -34.42
C GLY F 41 -4.78 -3.90 -34.96
N PRO F 42 -4.77 -5.20 -34.61
CA PRO F 42 -3.72 -6.09 -35.11
C PRO F 42 -3.63 -6.05 -36.62
N PRO F 43 -2.39 -5.95 -37.13
CA PRO F 43 -2.10 -5.70 -38.55
C PRO F 43 -2.76 -6.65 -39.57
N ASP F 44 -3.02 -7.90 -39.21
CA ASP F 44 -3.62 -8.82 -40.18
C ASP F 44 -5.07 -9.09 -39.83
N SER F 45 -5.62 -8.26 -38.95
CA SER F 45 -7.02 -8.39 -38.58
C SER F 45 -7.85 -7.40 -39.39
N ALA F 46 -9.16 -7.60 -39.40
CA ALA F 46 -10.08 -6.68 -40.07
C ALA F 46 -10.07 -5.31 -39.39
N TYR F 47 -9.43 -5.26 -38.21
CA TYR F 47 -9.33 -4.03 -37.41
C TYR F 47 -8.00 -3.31 -37.58
N GLN F 48 -7.17 -3.76 -38.53
CA GLN F 48 -5.89 -3.09 -38.78
C GLN F 48 -6.04 -1.59 -39.00
N GLY F 49 -5.10 -0.82 -38.46
CA GLY F 49 -5.12 0.62 -38.61
C GLY F 49 -6.11 1.34 -37.72
N GLY F 50 -6.84 0.57 -36.90
CA GLY F 50 -7.80 1.16 -35.99
C GLY F 50 -7.13 1.44 -34.66
N VAL F 51 -7.52 2.51 -33.98
CA VAL F 51 -7.04 2.73 -32.63
C VAL F 51 -8.24 2.58 -31.71
N PHE F 52 -8.16 1.66 -30.75
CA PHE F 52 -9.30 1.38 -29.88
C PHE F 52 -9.03 1.76 -28.44
N PHE F 53 -9.95 2.52 -27.85
CA PHE F 53 -9.77 2.94 -26.46
C PHE F 53 -10.67 2.18 -25.49
N LEU F 54 -10.10 1.77 -24.39
CA LEU F 54 -10.82 0.96 -23.42
C LEU F 54 -10.71 1.62 -22.06
N THR F 55 -11.78 1.52 -21.27
CA THR F 55 -11.76 2.04 -19.92
C THR F 55 -11.61 0.89 -18.90
N VAL F 56 -10.75 1.06 -17.92
CA VAL F 56 -10.54 0.04 -16.89
C VAL F 56 -10.87 0.57 -15.51
N HIS F 57 -11.82 -0.07 -14.81
CA HIS F 57 -12.07 0.27 -13.39
C HIS F 57 -11.88 -0.92 -12.47
N PHE F 58 -11.42 -0.65 -11.25
CA PHE F 58 -11.18 -1.72 -10.29
C PHE F 58 -12.23 -1.70 -9.19
N PRO F 59 -13.02 -2.78 -9.09
CA PRO F 59 -14.03 -2.80 -8.02
C PRO F 59 -13.36 -2.83 -6.66
N THR F 60 -14.13 -2.59 -5.61
CA THR F 60 -13.58 -2.53 -4.25
C THR F 60 -12.96 -3.86 -3.79
N ASP F 61 -13.42 -4.98 -4.33
CA ASP F 61 -12.81 -6.25 -3.98
C ASP F 61 -11.87 -6.82 -5.07
N TYR F 62 -11.29 -5.95 -5.89
CA TYR F 62 -10.18 -6.37 -6.74
C TYR F 62 -9.02 -6.76 -5.82
N PRO F 63 -8.26 -7.81 -6.17
CA PRO F 63 -8.31 -8.69 -7.34
C PRO F 63 -9.01 -10.04 -7.09
N PHE F 64 -9.82 -10.13 -6.04
CA PHE F 64 -10.67 -11.31 -5.85
C PHE F 64 -11.78 -11.33 -6.90
N LYS F 65 -12.18 -10.15 -7.33
CA LYS F 65 -13.17 -10.00 -8.40
C LYS F 65 -12.51 -9.28 -9.55
N PRO F 66 -12.99 -9.54 -10.78
CA PRO F 66 -12.33 -9.05 -12.01
C PRO F 66 -12.43 -7.53 -12.20
N PRO F 67 -11.48 -6.96 -12.95
CA PRO F 67 -11.56 -5.55 -13.33
C PRO F 67 -12.78 -5.35 -14.23
N LYS F 68 -13.37 -4.15 -14.20
CA LYS F 68 -14.43 -3.84 -15.15
C LYS F 68 -13.81 -3.10 -16.35
N ILE F 69 -13.89 -3.72 -17.51
CA ILE F 69 -13.19 -3.25 -18.71
C ILE F 69 -14.19 -3.18 -19.84
N ALA F 70 -14.23 -2.05 -20.55
CA ALA F 70 -15.12 -1.90 -21.68
C ALA F 70 -14.50 -1.04 -22.77
N PHE F 71 -14.83 -1.32 -24.02
CA PHE F 71 -14.46 -0.43 -25.12
C PHE F 71 -15.25 0.86 -24.99
N THR F 72 -14.60 2.00 -25.24
CA THR F 72 -15.34 3.25 -25.41
C THR F 72 -15.40 3.59 -26.89
N THR F 73 -14.62 2.88 -27.70
CA THR F 73 -14.62 3.07 -29.14
C THR F 73 -15.56 2.05 -29.75
N LYS F 74 -16.36 2.49 -30.71
CA LYS F 74 -17.34 1.62 -31.31
C LYS F 74 -16.64 0.59 -32.18
N ILE F 75 -17.13 -0.66 -32.16
CA ILE F 75 -16.50 -1.74 -32.93
C ILE F 75 -17.50 -2.84 -33.30
N TYR F 76 -17.27 -3.43 -34.48
CA TYR F 76 -18.11 -4.48 -35.05
C TYR F 76 -17.48 -5.84 -34.73
N HIS F 77 -18.08 -6.58 -33.79
CA HIS F 77 -17.46 -7.79 -33.27
C HIS F 77 -18.53 -8.57 -32.50
N PRO F 78 -18.54 -9.90 -32.66
CA PRO F 78 -19.53 -10.77 -32.02
C PRO F 78 -19.44 -10.82 -30.50
N ASN F 79 -18.29 -10.45 -29.94
CA ASN F 79 -18.05 -10.59 -28.51
C ASN F 79 -18.04 -9.23 -27.79
N ILE F 80 -18.39 -8.18 -28.51
CA ILE F 80 -18.34 -6.83 -27.95
C ILE F 80 -19.56 -6.08 -28.40
N ASN F 81 -20.41 -5.70 -27.44
CA ASN F 81 -21.67 -5.06 -27.80
C ASN F 81 -21.55 -3.55 -27.89
N SER F 82 -22.67 -2.89 -28.14
CA SER F 82 -22.68 -1.47 -28.44
C SER F 82 -22.38 -0.63 -27.20
N ASN F 83 -22.50 -1.24 -26.03
CA ASN F 83 -22.08 -0.62 -24.78
C ASN F 83 -20.59 -0.84 -24.49
N GLY F 84 -19.89 -1.52 -25.41
CA GLY F 84 -18.48 -1.81 -25.21
C GLY F 84 -18.18 -2.94 -24.24
N SER F 85 -19.22 -3.63 -23.77
CA SER F 85 -19.03 -4.77 -22.87
C SER F 85 -18.39 -5.90 -23.66
N ILE F 86 -17.55 -6.67 -23.00
CA ILE F 86 -16.71 -7.67 -23.65
C ILE F 86 -17.04 -9.05 -23.09
N CYS F 87 -17.53 -9.93 -23.95
CA CYS F 87 -17.86 -11.29 -23.54
C CYS F 87 -16.61 -12.15 -23.47
N LEU F 88 -16.00 -12.18 -22.29
CA LEU F 88 -14.77 -12.93 -22.09
C LEU F 88 -14.86 -13.64 -20.74
N ASP F 89 -14.65 -14.95 -20.76
CA ASP F 89 -14.76 -15.80 -19.57
C ASP F 89 -14.07 -15.23 -18.34
N ILE F 90 -12.83 -14.76 -18.51
CA ILE F 90 -12.03 -14.27 -17.40
C ILE F 90 -12.47 -12.91 -16.85
N LEU F 91 -13.35 -12.22 -17.56
CA LEU F 91 -13.93 -10.97 -17.08
C LEU F 91 -15.15 -11.26 -16.22
N ARG F 92 -15.45 -12.55 -16.05
CA ARG F 92 -16.65 -12.98 -15.35
C ARG F 92 -16.35 -14.09 -14.34
N SER F 93 -16.89 -15.27 -14.59
CA SER F 93 -16.81 -16.37 -13.63
C SER F 93 -15.41 -17.00 -13.54
N GLN F 94 -14.60 -16.85 -14.58
CA GLN F 94 -13.29 -17.50 -14.58
C GLN F 94 -12.14 -16.59 -14.12
N TRP F 95 -12.46 -15.44 -13.54
CA TRP F 95 -11.43 -14.57 -13.00
C TRP F 95 -10.80 -15.19 -11.75
N SER F 96 -9.52 -14.91 -11.53
CA SER F 96 -8.87 -15.25 -10.27
C SER F 96 -7.79 -14.22 -10.01
N PRO F 97 -7.31 -14.12 -8.75
CA PRO F 97 -6.27 -13.12 -8.54
C PRO F 97 -4.96 -13.45 -9.25
N ALA F 98 -4.85 -14.64 -9.83
CA ALA F 98 -3.65 -14.92 -10.62
C ALA F 98 -3.68 -14.13 -11.93
N LEU F 99 -4.86 -13.73 -12.36
CA LEU F 99 -4.97 -13.01 -13.63
C LEU F 99 -4.66 -11.54 -13.45
N THR F 100 -4.56 -10.83 -14.57
CA THR F 100 -4.22 -9.43 -14.56
C THR F 100 -4.90 -8.67 -15.72
N VAL F 101 -4.93 -7.35 -15.60
CA VAL F 101 -5.42 -6.50 -16.66
C VAL F 101 -4.61 -6.79 -17.91
N SER F 102 -3.29 -6.91 -17.75
CA SER F 102 -2.44 -7.22 -18.89
C SER F 102 -2.91 -8.51 -19.58
N LYS F 103 -3.26 -9.53 -18.81
CA LYS F 103 -3.72 -10.78 -19.41
C LYS F 103 -5.06 -10.62 -20.12
N VAL F 104 -5.93 -9.78 -19.56
CA VAL F 104 -7.21 -9.52 -20.18
C VAL F 104 -7.01 -8.81 -21.53
N LEU F 105 -6.07 -7.88 -21.58
CA LEU F 105 -5.82 -7.15 -22.82
C LEU F 105 -5.27 -8.08 -23.89
N LEU F 106 -4.37 -8.99 -23.47
CA LEU F 106 -3.86 -10.05 -24.32
C LEU F 106 -5.01 -10.83 -24.93
N SER F 107 -5.97 -11.24 -24.10
CA SER F 107 -7.11 -12.02 -24.59
C SER F 107 -7.99 -11.22 -25.53
N ILE F 108 -8.16 -9.93 -25.26
CA ILE F 108 -8.99 -9.10 -26.09
C ILE F 108 -8.36 -9.02 -27.47
N CYS F 109 -7.05 -8.81 -27.52
CA CYS F 109 -6.32 -8.80 -28.79
C CYS F 109 -6.47 -10.11 -29.56
N SER F 110 -6.46 -11.21 -28.82
CA SER F 110 -6.68 -12.53 -29.39
C SER F 110 -8.09 -12.61 -29.97
N LEU F 111 -9.05 -11.99 -29.28
CA LEU F 111 -10.43 -11.95 -29.75
C LEU F 111 -10.57 -11.12 -31.02
N LEU F 112 -9.75 -10.07 -31.16
CA LEU F 112 -9.76 -9.25 -32.38
C LEU F 112 -9.27 -10.01 -33.60
N CYS F 113 -8.27 -10.86 -33.39
CA CYS F 113 -7.70 -11.67 -34.47
C CYS F 113 -8.58 -12.85 -34.80
N ASP F 114 -9.18 -13.43 -33.78
CA ASP F 114 -10.07 -14.58 -33.95
C ASP F 114 -11.26 -14.45 -33.03
N PRO F 115 -12.34 -13.82 -33.52
CA PRO F 115 -13.57 -13.67 -32.76
C PRO F 115 -14.16 -15.04 -32.45
N ASN F 116 -15.00 -15.09 -31.41
CA ASN F 116 -15.58 -16.34 -30.94
C ASN F 116 -17.11 -16.33 -31.06
N PRO F 117 -17.64 -16.71 -32.23
CA PRO F 117 -19.09 -16.73 -32.40
C PRO F 117 -19.78 -17.81 -31.56
N ASP F 118 -19.01 -18.79 -31.08
CA ASP F 118 -19.57 -19.87 -30.27
C ASP F 118 -20.13 -19.35 -28.95
N ASP F 119 -19.73 -18.14 -28.57
CA ASP F 119 -20.22 -17.51 -27.36
C ASP F 119 -20.53 -16.05 -27.66
N PRO F 120 -21.64 -15.81 -28.38
CA PRO F 120 -21.96 -14.48 -28.90
C PRO F 120 -22.51 -13.52 -27.86
N LEU F 121 -22.05 -12.27 -27.92
CA LEU F 121 -22.65 -11.21 -27.16
C LEU F 121 -23.59 -10.45 -28.10
N VAL F 122 -23.32 -10.56 -29.39
CA VAL F 122 -24.16 -9.96 -30.41
C VAL F 122 -24.43 -11.01 -31.45
N PRO F 123 -25.52 -11.78 -31.26
CA PRO F 123 -25.87 -12.96 -32.07
C PRO F 123 -25.95 -12.62 -33.56
N ASP F 124 -26.54 -11.47 -33.87
CA ASP F 124 -26.57 -10.94 -35.23
C ASP F 124 -25.21 -11.14 -35.89
N ILE F 125 -24.20 -10.50 -35.29
CA ILE F 125 -22.88 -10.45 -35.88
C ILE F 125 -22.22 -11.83 -35.89
N ALA F 126 -22.47 -12.63 -34.86
CA ALA F 126 -21.86 -13.95 -34.77
C ALA F 126 -22.33 -14.83 -35.91
N GLN F 127 -23.58 -14.64 -36.33
CA GLN F 127 -24.19 -15.44 -37.39
C GLN F 127 -23.61 -15.04 -38.74
N ILE F 128 -23.29 -13.75 -38.88
CA ILE F 128 -22.66 -13.26 -40.09
C ILE F 128 -21.25 -13.80 -40.16
N TYR F 129 -20.57 -13.83 -39.02
CA TYR F 129 -19.23 -14.37 -38.94
C TYR F 129 -19.18 -15.81 -39.44
N LYS F 130 -20.15 -16.62 -39.03
CA LYS F 130 -20.20 -18.04 -39.42
C LYS F 130 -20.56 -18.24 -40.90
N SER F 131 -21.69 -17.70 -41.32
CA SER F 131 -22.24 -18.03 -42.64
C SER F 131 -21.63 -17.19 -43.79
N ASP F 132 -21.05 -16.03 -43.46
CA ASP F 132 -20.48 -15.16 -44.49
C ASP F 132 -19.33 -14.30 -43.98
N LYS F 133 -18.20 -14.95 -43.72
CA LYS F 133 -16.99 -14.30 -43.22
C LYS F 133 -16.56 -13.10 -44.07
N GLU F 134 -16.69 -13.22 -45.39
CA GLU F 134 -16.36 -12.12 -46.29
C GLU F 134 -17.15 -10.84 -45.94
N LYS F 135 -18.46 -10.99 -45.74
CA LYS F 135 -19.30 -9.86 -45.33
C LYS F 135 -18.90 -9.35 -43.95
N TYR F 136 -18.64 -10.28 -43.02
CA TYR F 136 -18.15 -9.90 -41.71
C TYR F 136 -16.92 -9.01 -41.82
N ASN F 137 -15.89 -9.49 -42.51
CA ASN F 137 -14.65 -8.74 -42.63
C ASN F 137 -14.93 -7.37 -43.22
N ARG F 138 -15.80 -7.33 -44.24
CA ARG F 138 -16.21 -6.08 -44.86
C ARG F 138 -16.81 -5.08 -43.85
N HIS F 139 -17.73 -5.52 -43.02
CA HIS F 139 -18.35 -4.61 -42.05
C HIS F 139 -17.39 -4.22 -40.94
N ALA F 140 -16.51 -5.14 -40.57
CA ALA F 140 -15.54 -4.87 -39.51
C ALA F 140 -14.54 -3.80 -39.96
N ARG F 141 -14.10 -3.86 -41.23
CA ARG F 141 -13.21 -2.83 -41.79
C ARG F 141 -13.91 -1.46 -41.92
N GLU F 142 -15.12 -1.47 -42.45
CA GLU F 142 -15.89 -0.23 -42.63
C GLU F 142 -16.11 0.48 -41.29
N TRP F 143 -16.43 -0.28 -40.25
CA TRP F 143 -16.63 0.31 -38.94
C TRP F 143 -15.32 0.75 -38.31
N THR F 144 -14.23 0.07 -38.63
CA THR F 144 -12.91 0.51 -38.16
C THR F 144 -12.55 1.87 -38.78
N GLN F 145 -12.78 2.00 -40.08
CA GLN F 145 -12.49 3.25 -40.76
C GLN F 145 -13.36 4.38 -40.22
N LYS F 146 -14.63 4.07 -39.96
CA LYS F 146 -15.59 5.09 -39.53
C LYS F 146 -15.43 5.51 -38.07
N TYR F 147 -15.22 4.56 -37.17
CA TYR F 147 -15.24 4.90 -35.75
C TYR F 147 -13.89 4.84 -35.07
N ALA F 148 -12.87 4.28 -35.72
CA ALA F 148 -11.64 3.96 -35.00
C ALA F 148 -10.41 4.49 -35.73
N MET F 149 -10.64 5.47 -36.58
CA MET F 149 -9.57 6.14 -37.29
C MET F 149 -9.78 7.65 -37.30
N ARG G 6 29.91 -7.85 -5.40
CA ARG G 6 30.17 -8.30 -4.05
C ARG G 6 29.37 -7.47 -3.04
N VAL G 7 29.47 -7.81 -1.76
CA VAL G 7 28.73 -7.13 -0.71
C VAL G 7 27.23 -7.39 -0.85
N LEU G 8 26.84 -7.86 -2.02
CA LEU G 8 25.48 -8.32 -2.26
C LEU G 8 25.54 -9.78 -2.70
N GLN G 9 26.75 -10.25 -2.97
CA GLN G 9 26.97 -11.67 -3.18
C GLN G 9 26.87 -12.39 -1.83
N GLU G 10 27.25 -11.69 -0.76
CA GLU G 10 27.08 -12.23 0.58
C GLU G 10 25.59 -12.32 0.92
N LYS G 11 24.80 -11.41 0.36
CA LYS G 11 23.37 -11.35 0.65
C LYS G 11 22.61 -12.42 -0.11
N LEU G 12 23.09 -12.72 -1.31
CA LEU G 12 22.49 -13.74 -2.13
C LEU G 12 22.87 -15.12 -1.60
N ARG G 13 24.08 -15.21 -1.06
CA ARG G 13 24.54 -16.45 -0.46
C ARG G 13 23.75 -16.73 0.80
N LYS G 14 23.57 -15.70 1.63
CA LYS G 14 22.80 -15.83 2.86
C LYS G 14 21.38 -16.30 2.55
N LEU G 15 20.86 -15.85 1.42
CA LEU G 15 19.49 -16.14 1.05
C LEU G 15 19.35 -17.58 0.54
N LYS G 16 20.33 -18.04 -0.22
CA LYS G 16 20.36 -19.43 -0.66
C LYS G 16 20.54 -20.35 0.54
N GLU G 17 21.46 -20.02 1.44
CA GLU G 17 21.69 -20.85 2.62
C GLU G 17 20.43 -20.97 3.49
N ALA G 18 19.61 -19.91 3.52
CA ALA G 18 18.39 -19.91 4.30
C ALA G 18 17.34 -20.88 3.73
N MET G 19 17.44 -21.19 2.45
CA MET G 19 16.49 -22.12 1.85
C MET G 19 16.90 -23.60 1.94
N LEU G 20 18.10 -23.86 2.44
CA LEU G 20 18.60 -25.22 2.66
C LEU G 20 18.01 -25.84 3.93
N CYS G 21 17.60 -27.10 3.82
CA CYS G 21 17.11 -27.86 4.98
C CYS G 21 18.05 -27.73 6.19
N MET G 22 17.47 -27.45 7.34
CA MET G 22 18.21 -27.29 8.59
C MET G 22 18.98 -28.55 8.96
N VAL G 23 18.43 -29.72 8.64
CA VAL G 23 19.03 -30.98 9.05
C VAL G 23 20.08 -31.52 8.08
N CYS G 24 19.70 -31.70 6.82
CA CYS G 24 20.61 -32.30 5.85
C CYS G 24 21.49 -31.25 5.18
N CYS G 25 21.04 -30.00 5.20
CA CYS G 25 21.77 -28.91 4.56
C CYS G 25 22.06 -29.17 3.08
N GLU G 26 21.21 -29.94 2.42
CA GLU G 26 21.49 -30.29 1.03
C GLU G 26 20.30 -30.04 0.11
N GLU G 27 19.11 -30.36 0.61
CA GLU G 27 17.89 -30.18 -0.14
C GLU G 27 17.19 -28.88 0.27
N GLU G 28 16.38 -28.35 -0.63
CA GLU G 28 15.56 -27.19 -0.36
C GLU G 28 14.42 -27.50 0.61
N ILE G 29 14.24 -26.63 1.58
CA ILE G 29 13.09 -26.70 2.47
C ILE G 29 11.83 -26.73 1.63
N ASN G 30 10.91 -27.65 1.96
CA ASN G 30 9.67 -27.80 1.22
C ASN G 30 8.59 -28.44 2.07
N SER G 31 8.71 -28.30 3.39
CA SER G 31 7.83 -28.97 4.33
C SER G 31 7.60 -28.05 5.51
N THR G 32 6.40 -28.06 6.05
CA THR G 32 6.16 -27.31 7.26
C THR G 32 5.55 -28.25 8.27
N PHE G 33 5.89 -28.07 9.54
CA PHE G 33 5.35 -28.88 10.61
C PHE G 33 4.02 -28.31 11.06
N CYS G 34 2.98 -29.13 11.07
CA CYS G 34 1.67 -28.69 11.56
C CYS G 34 1.44 -29.26 12.95
N PRO G 35 0.82 -28.46 13.85
CA PRO G 35 0.22 -27.15 13.63
C PRO G 35 1.13 -25.91 13.77
N CYS G 36 2.37 -26.02 14.22
CA CYS G 36 3.18 -24.82 14.55
C CYS G 36 3.59 -23.98 13.35
N GLY G 37 3.70 -24.60 12.19
CA GLY G 37 4.03 -23.86 10.98
C GLY G 37 5.51 -23.56 10.77
N HIS G 38 6.40 -24.15 11.58
CA HIS G 38 7.82 -23.94 11.30
C HIS G 38 8.24 -24.71 10.07
N THR G 39 9.04 -24.06 9.23
CA THR G 39 9.30 -24.49 7.86
C THR G 39 10.81 -24.46 7.66
N VAL G 40 11.46 -25.51 8.13
CA VAL G 40 12.91 -25.54 8.19
C VAL G 40 13.52 -26.79 7.55
N CYS G 41 12.68 -27.71 7.07
CA CYS G 41 13.18 -29.00 6.55
C CYS G 41 12.74 -29.42 5.13
N CYS G 42 13.57 -30.22 4.46
CA CYS G 42 13.13 -30.95 3.27
C CYS G 42 12.16 -32.03 3.71
N GLU G 43 11.54 -32.74 2.77
CA GLU G 43 10.52 -33.73 3.14
C GLU G 43 11.06 -34.96 3.89
N SER G 44 12.27 -35.40 3.52
CA SER G 44 12.81 -36.61 4.16
C SER G 44 13.21 -36.38 5.61
N CYS G 45 13.89 -35.28 5.88
CA CYS G 45 14.24 -34.96 7.27
C CYS G 45 13.00 -34.67 8.10
N ALA G 46 12.04 -33.96 7.53
CA ALA G 46 10.81 -33.62 8.26
C ALA G 46 10.07 -34.89 8.70
N ALA G 47 10.05 -35.91 7.84
CA ALA G 47 9.33 -37.14 8.11
C ALA G 47 9.88 -37.88 9.32
N GLN G 48 11.11 -37.56 9.68
CA GLN G 48 11.81 -38.31 10.70
C GLN G 48 11.85 -37.59 12.03
N LEU G 49 11.16 -36.46 12.14
CA LEU G 49 11.17 -35.68 13.37
C LEU G 49 9.81 -35.71 14.03
N GLN G 50 9.75 -36.25 15.25
CA GLN G 50 8.52 -36.34 16.01
C GLN G 50 8.16 -35.01 16.65
N SER G 51 9.16 -34.21 16.99
CA SER G 51 8.94 -32.88 17.58
C SER G 51 9.57 -31.81 16.72
N CYS G 52 8.96 -30.64 16.67
CA CYS G 52 9.54 -29.54 15.90
C CYS G 52 10.90 -29.17 16.48
N PRO G 53 11.94 -29.14 15.63
CA PRO G 53 13.27 -28.76 16.11
C PRO G 53 13.29 -27.32 16.64
N VAL G 54 12.38 -26.48 16.13
CA VAL G 54 12.39 -25.07 16.52
C VAL G 54 11.71 -24.80 17.86
N CYS G 55 10.48 -25.28 18.02
CA CYS G 55 9.69 -24.89 19.19
C CYS G 55 9.38 -26.06 20.09
N ARG G 56 9.70 -27.26 19.63
CA ARG G 56 9.55 -28.48 20.40
C ARG G 56 8.10 -28.98 20.51
N SER G 57 7.19 -28.35 19.75
CA SER G 57 5.80 -28.80 19.64
C SER G 57 5.71 -30.16 18.96
N ARG G 58 4.71 -30.94 19.31
CA ARG G 58 4.50 -32.22 18.68
C ARG G 58 4.12 -32.00 17.22
N VAL G 59 4.66 -32.83 16.34
CA VAL G 59 4.33 -32.73 14.93
C VAL G 59 3.12 -33.61 14.64
N GLU G 60 1.98 -32.98 14.38
CA GLU G 60 0.76 -33.72 14.10
C GLU G 60 0.76 -34.21 12.66
N HIS G 61 1.43 -33.46 11.79
CA HIS G 61 1.35 -33.68 10.37
C HIS G 61 2.43 -32.86 9.68
N VAL G 62 3.01 -33.40 8.61
CA VAL G 62 3.89 -32.59 7.76
C VAL G 62 3.14 -32.20 6.47
N GLN G 63 3.08 -30.90 6.17
CA GLN G 63 2.42 -30.42 4.95
C GLN G 63 3.46 -29.92 3.95
N HIS G 64 3.35 -30.38 2.72
CA HIS G 64 4.32 -30.02 1.71
C HIS G 64 4.10 -28.58 1.30
N VAL G 65 5.20 -27.85 1.07
CA VAL G 65 5.13 -26.45 0.69
C VAL G 65 6.10 -26.17 -0.45
N TYR G 66 5.63 -25.42 -1.44
CA TYR G 66 6.47 -24.88 -2.50
C TYR G 66 6.88 -23.46 -2.09
N LEU G 67 8.15 -23.27 -1.69
CA LEU G 67 8.63 -21.93 -1.36
C LEU G 67 8.44 -21.03 -2.57
N PRO G 68 7.89 -19.83 -2.36
CA PRO G 68 7.69 -18.85 -3.44
C PRO G 68 9.02 -18.31 -3.98
N THR G 69 10.12 -18.49 -3.25
CA THR G 69 11.41 -18.00 -3.72
C THR G 69 12.17 -19.01 -4.58
N HIS G 70 11.51 -20.10 -4.93
CA HIS G 70 12.12 -21.20 -5.69
C HIS G 70 12.33 -20.78 -7.16
N THR G 71 13.48 -21.12 -7.74
CA THR G 71 13.72 -20.87 -9.18
C THR G 71 13.65 -22.19 -9.97
N SER G 72 13.44 -22.12 -11.28
CA SER G 72 13.01 -23.29 -12.08
C SER G 72 13.80 -23.66 -13.36
N LEU G 73 13.39 -23.09 -14.50
CA LEU G 73 14.06 -23.30 -15.80
C LEU G 73 15.29 -22.40 -15.90
N LEU G 74 15.45 -21.54 -14.90
CA LEU G 74 16.54 -20.58 -14.87
C LEU G 74 17.81 -21.20 -14.26
N ASN G 75 18.14 -22.41 -14.72
CA ASN G 75 19.31 -23.16 -14.24
C ASN G 75 19.20 -23.54 -12.77
N MET H 3 23.46 -38.58 5.21
CA MET H 3 24.87 -38.36 5.52
C MET H 3 25.06 -37.01 6.20
N ALA H 4 25.73 -37.05 7.35
CA ALA H 4 25.90 -35.90 8.23
C ALA H 4 26.93 -34.89 7.71
N LEU H 5 27.65 -35.24 6.65
CA LEU H 5 28.79 -34.43 6.23
C LEU H 5 28.43 -32.99 5.84
N LYS H 6 27.36 -32.82 5.08
CA LYS H 6 26.92 -31.51 4.63
C LYS H 6 26.51 -30.58 5.78
N ARG H 7 25.83 -31.16 6.78
CA ARG H 7 25.45 -30.41 7.97
C ARG H 7 26.70 -29.94 8.73
N ILE H 8 27.68 -30.82 8.85
CA ILE H 8 28.93 -30.52 9.56
C ILE H 8 29.74 -29.45 8.82
N GLN H 9 29.80 -29.56 7.50
CA GLN H 9 30.51 -28.57 6.69
C GLN H 9 29.88 -27.18 6.82
N LYS H 10 28.55 -27.12 6.83
CA LYS H 10 27.86 -25.85 6.99
C LYS H 10 28.05 -25.24 8.39
N GLU H 11 27.95 -26.07 9.42
CA GLU H 11 28.23 -25.59 10.77
C GLU H 11 29.64 -25.04 10.89
N LEU H 12 30.63 -25.76 10.36
CA LEU H 12 32.02 -25.34 10.47
C LEU H 12 32.28 -23.98 9.80
N SER H 13 31.87 -23.86 8.55
CA SER H 13 31.91 -22.58 7.84
C SER H 13 31.21 -21.45 8.61
N ASP H 14 30.00 -21.70 9.09
CA ASP H 14 29.27 -20.73 9.89
C ASP H 14 30.00 -20.34 11.18
N LEU H 15 30.52 -21.35 11.88
CA LEU H 15 31.21 -21.10 13.14
C LEU H 15 32.49 -20.31 12.90
N GLN H 16 33.27 -20.71 11.91
CA GLN H 16 34.55 -20.05 11.65
C GLN H 16 34.35 -18.61 11.13
N ARG H 17 33.24 -18.37 10.45
CA ARG H 17 32.89 -17.01 10.01
C ARG H 17 32.50 -16.08 11.17
N ASP H 18 31.70 -16.58 12.12
CA ASP H 18 31.33 -15.81 13.30
C ASP H 18 31.44 -16.62 14.60
N PRO H 19 32.68 -16.83 15.06
CA PRO H 19 33.01 -17.66 16.22
C PRO H 19 32.40 -17.15 17.51
N PRO H 20 31.92 -18.06 18.37
CA PRO H 20 31.42 -17.56 19.66
C PRO H 20 32.55 -16.93 20.47
N ALA H 21 32.20 -15.99 21.33
CA ALA H 21 33.17 -15.31 22.17
C ALA H 21 33.97 -16.32 23.01
N HIS H 22 35.27 -16.10 23.12
CA HIS H 22 36.18 -16.93 23.92
C HIS H 22 36.44 -18.30 23.30
N CYS H 23 35.92 -18.53 22.10
CA CYS H 23 35.98 -19.86 21.48
C CYS H 23 36.64 -19.90 20.12
N SER H 24 37.19 -21.07 19.81
CA SER H 24 37.70 -21.34 18.47
C SER H 24 37.48 -22.82 18.17
N ALA H 25 37.15 -23.13 16.92
CA ALA H 25 36.95 -24.51 16.53
C ALA H 25 37.49 -24.74 15.14
N GLY H 26 38.02 -25.94 14.92
CA GLY H 26 38.45 -26.35 13.60
C GLY H 26 38.52 -27.86 13.50
N PRO H 27 38.54 -28.37 12.27
CA PRO H 27 38.60 -29.82 11.99
C PRO H 27 39.97 -30.41 12.34
N VAL H 28 39.99 -31.65 12.79
CA VAL H 28 41.27 -32.29 13.08
C VAL H 28 41.37 -33.69 12.49
N GLY H 29 42.56 -34.03 11.98
CA GLY H 29 42.85 -35.37 11.50
C GLY H 29 42.45 -35.61 10.06
N ASP H 30 42.17 -36.87 9.73
CA ASP H 30 41.61 -37.22 8.44
C ASP H 30 40.15 -36.88 8.55
N ASP H 31 39.69 -36.93 9.78
CA ASP H 31 38.29 -37.12 10.07
C ASP H 31 37.47 -35.84 10.03
N LEU H 32 36.55 -35.79 9.08
CA LEU H 32 35.62 -34.68 9.01
C LEU H 32 34.67 -34.70 10.22
N PHE H 33 34.54 -35.87 10.85
CA PHE H 33 33.62 -36.06 11.99
C PHE H 33 34.20 -35.69 13.36
N HIS H 34 35.43 -35.19 13.37
CA HIS H 34 36.11 -34.75 14.59
C HIS H 34 36.58 -33.33 14.42
N TRP H 35 36.31 -32.49 15.42
CA TRP H 35 36.86 -31.14 15.47
C TRP H 35 37.60 -31.02 16.77
N GLN H 36 38.57 -30.12 16.84
CA GLN H 36 39.02 -29.62 18.14
C GLN H 36 38.44 -28.23 18.42
N ALA H 37 37.99 -28.04 19.65
CA ALA H 37 37.55 -26.73 20.10
C ALA H 37 38.53 -26.24 21.18
N THR H 38 38.72 -24.94 21.24
CA THR H 38 39.52 -24.31 22.27
C THR H 38 38.67 -23.26 22.96
N ILE H 39 38.68 -23.25 24.29
CA ILE H 39 37.97 -22.23 25.04
C ILE H 39 38.95 -21.52 25.95
N MET H 40 39.02 -20.20 25.85
CA MET H 40 39.85 -19.42 26.75
C MET H 40 39.01 -19.02 27.94
N GLY H 41 39.49 -19.28 29.17
CA GLY H 41 38.72 -18.99 30.37
C GLY H 41 38.09 -17.61 30.34
N PRO H 42 36.77 -17.52 30.51
CA PRO H 42 36.15 -16.19 30.50
C PRO H 42 36.61 -15.33 31.67
N PRO H 43 37.06 -14.11 31.39
CA PRO H 43 37.46 -13.20 32.47
C PRO H 43 36.30 -13.03 33.43
N ASP H 44 36.62 -12.77 34.69
CA ASP H 44 35.59 -12.64 35.72
C ASP H 44 35.26 -13.99 36.33
N SER H 45 35.41 -15.06 35.54
CA SER H 45 35.23 -16.41 36.07
C SER H 45 36.53 -16.92 36.71
N ALA H 46 36.42 -17.98 37.50
CA ALA H 46 37.58 -18.54 38.19
C ALA H 46 38.62 -19.13 37.22
N TYR H 47 38.22 -19.25 35.96
CA TYR H 47 39.05 -19.88 34.91
C TYR H 47 39.78 -18.90 34.02
N GLN H 48 39.73 -17.61 34.36
CA GLN H 48 40.40 -16.61 33.54
C GLN H 48 41.85 -16.97 33.35
N GLY H 49 42.35 -16.75 32.13
CA GLY H 49 43.73 -17.02 31.81
C GLY H 49 44.03 -18.46 31.42
N GLY H 50 43.04 -19.34 31.62
CA GLY H 50 43.23 -20.75 31.30
C GLY H 50 42.84 -21.04 29.87
N VAL H 51 43.53 -21.99 29.25
CA VAL H 51 43.17 -22.43 27.91
C VAL H 51 42.70 -23.88 27.97
N PHE H 52 41.48 -24.11 27.51
CA PHE H 52 40.86 -25.44 27.64
C PHE H 52 40.60 -26.06 26.29
N PHE H 53 41.13 -27.27 26.09
CA PHE H 53 40.89 -27.96 24.83
C PHE H 53 39.75 -28.98 24.97
N LEU H 54 38.87 -29.00 23.98
CA LEU H 54 37.76 -29.96 23.93
C LEU H 54 37.78 -30.73 22.61
N THR H 55 37.27 -31.96 22.61
CA THR H 55 37.07 -32.68 21.36
C THR H 55 35.60 -32.62 21.00
N VAL H 56 35.31 -32.59 19.70
CA VAL H 56 33.96 -32.67 19.21
C VAL H 56 33.91 -33.87 18.26
N HIS H 57 33.07 -34.85 18.57
CA HIS H 57 32.94 -36.04 17.73
C HIS H 57 31.49 -36.13 17.27
N PHE H 58 31.23 -36.04 15.96
CA PHE H 58 29.86 -36.06 15.49
C PHE H 58 29.40 -37.51 15.24
N PRO H 59 28.23 -37.90 15.74
CA PRO H 59 27.80 -39.27 15.42
C PRO H 59 27.38 -39.36 13.95
N THR H 60 27.29 -40.59 13.43
CA THR H 60 26.99 -40.79 12.02
C THR H 60 25.59 -40.29 11.63
N ASP H 61 24.65 -40.26 12.58
CA ASP H 61 23.32 -39.72 12.29
C ASP H 61 23.14 -38.30 12.83
N TYR H 62 24.23 -37.56 12.97
CA TYR H 62 24.16 -36.13 13.26
C TYR H 62 23.38 -35.47 12.11
N PRO H 63 22.52 -34.48 12.43
CA PRO H 63 22.22 -33.83 13.72
C PRO H 63 20.97 -34.35 14.42
N PHE H 64 20.48 -35.54 14.07
CA PHE H 64 19.34 -36.11 14.80
C PHE H 64 19.76 -36.42 16.23
N LYS H 65 21.05 -36.72 16.41
CA LYS H 65 21.62 -36.97 17.73
C LYS H 65 22.69 -35.91 18.04
N PRO H 66 22.86 -35.55 19.32
CA PRO H 66 23.83 -34.54 19.72
C PRO H 66 25.27 -34.89 19.38
N PRO H 67 26.12 -33.87 19.23
CA PRO H 67 27.53 -34.20 19.08
C PRO H 67 28.08 -34.68 20.43
N LYS H 68 29.13 -35.50 20.43
CA LYS H 68 29.79 -35.85 21.67
C LYS H 68 30.92 -34.85 21.89
N ILE H 69 30.87 -34.14 23.03
CA ILE H 69 31.81 -33.05 23.31
C ILE H 69 32.41 -33.20 24.70
N ALA H 70 33.73 -33.29 24.76
CA ALA H 70 34.42 -33.50 26.03
C ALA H 70 35.61 -32.57 26.22
N PHE H 71 35.87 -32.21 27.46
CA PHE H 71 37.08 -31.47 27.80
C PHE H 71 38.24 -32.45 27.78
N THR H 72 39.34 -32.09 27.15
CA THR H 72 40.54 -32.90 27.30
C THR H 72 41.43 -32.26 28.37
N THR H 73 41.27 -30.96 28.58
CA THR H 73 42.00 -30.25 29.63
C THR H 73 41.32 -30.44 30.98
N LYS H 74 42.10 -30.79 31.99
CA LYS H 74 41.55 -30.97 33.33
C LYS H 74 41.03 -29.63 33.87
N ILE H 75 39.89 -29.69 34.54
CA ILE H 75 39.24 -28.50 35.05
C ILE H 75 38.47 -28.85 36.31
N TYR H 76 38.40 -27.88 37.22
CA TYR H 76 37.73 -28.05 38.50
C TYR H 76 36.36 -27.42 38.38
N HIS H 77 35.31 -28.23 38.38
CA HIS H 77 33.96 -27.74 38.08
C HIS H 77 32.94 -28.83 38.37
N PRO H 78 31.76 -28.44 38.88
CA PRO H 78 30.75 -29.43 39.27
C PRO H 78 30.01 -30.13 38.13
N ASN H 79 30.09 -29.59 36.91
CA ASN H 79 29.36 -30.17 35.78
C ASN H 79 30.27 -30.81 34.74
N ILE H 80 31.55 -30.87 35.07
CA ILE H 80 32.55 -31.45 34.19
C ILE H 80 33.37 -32.37 35.05
N ASN H 81 33.58 -33.61 34.63
CA ASN H 81 34.31 -34.57 35.45
C ASN H 81 35.72 -34.89 34.93
N SER H 82 36.37 -35.84 35.60
CA SER H 82 37.77 -36.15 35.35
C SER H 82 37.99 -36.74 33.96
N ASN H 83 36.93 -37.29 33.37
CA ASN H 83 36.98 -37.72 31.97
C ASN H 83 36.65 -36.59 30.98
N GLY H 84 36.34 -35.41 31.49
CA GLY H 84 36.03 -34.26 30.65
C GLY H 84 34.57 -34.26 30.20
N SER H 85 33.78 -35.18 30.71
CA SER H 85 32.36 -35.22 30.36
C SER H 85 31.66 -34.01 30.93
N ILE H 86 30.72 -33.47 30.16
CA ILE H 86 30.02 -32.25 30.49
C ILE H 86 28.56 -32.58 30.75
N CYS H 87 28.06 -32.17 31.92
CA CYS H 87 26.64 -32.33 32.21
C CYS H 87 25.91 -31.09 31.73
N LEU H 88 25.31 -31.22 30.55
CA LEU H 88 24.61 -30.12 29.91
C LEU H 88 23.39 -30.72 29.23
N ASP H 89 22.21 -30.23 29.58
CA ASP H 89 20.98 -30.85 29.11
C ASP H 89 20.89 -30.95 27.58
N ILE H 90 21.47 -29.99 26.89
CA ILE H 90 21.37 -29.92 25.44
C ILE H 90 22.30 -30.90 24.75
N LEU H 91 23.18 -31.53 25.52
CA LEU H 91 24.02 -32.60 24.99
C LEU H 91 23.39 -33.97 25.25
N ARG H 92 22.24 -33.98 25.92
CA ARG H 92 21.57 -35.22 26.27
C ARG H 92 20.11 -35.19 25.78
N SER H 93 19.17 -35.32 26.71
CA SER H 93 17.75 -35.41 26.33
C SER H 93 17.22 -34.17 25.58
N GLN H 94 17.82 -33.01 25.82
CA GLN H 94 17.30 -31.77 25.26
C GLN H 94 17.95 -31.34 23.94
N TRP H 95 18.65 -32.25 23.29
CA TRP H 95 19.22 -31.90 22.00
C TRP H 95 18.11 -31.65 20.97
N SER H 96 18.41 -30.78 20.02
CA SER H 96 17.54 -30.53 18.88
C SER H 96 18.44 -30.31 17.69
N PRO H 97 17.99 -30.72 16.50
CA PRO H 97 18.70 -30.42 15.24
C PRO H 97 18.82 -28.92 14.98
N ALA H 98 18.02 -28.11 15.65
CA ALA H 98 18.14 -26.66 15.59
C ALA H 98 19.40 -26.12 16.30
N LEU H 99 19.89 -26.85 17.29
CA LEU H 99 21.11 -26.44 17.99
C LEU H 99 22.35 -26.70 17.16
N THR H 100 23.44 -26.01 17.49
CA THR H 100 24.71 -26.18 16.80
C THR H 100 25.85 -26.27 17.81
N VAL H 101 27.01 -26.75 17.36
CA VAL H 101 28.21 -26.77 18.19
C VAL H 101 28.50 -25.37 18.75
N SER H 102 28.36 -24.36 17.90
CA SER H 102 28.58 -22.99 18.30
C SER H 102 27.75 -22.65 19.53
N LYS H 103 26.45 -22.94 19.45
CA LYS H 103 25.55 -22.74 20.58
C LYS H 103 25.95 -23.54 21.82
N VAL H 104 26.46 -24.75 21.62
CA VAL H 104 26.89 -25.56 22.75
C VAL H 104 28.10 -24.95 23.44
N LEU H 105 29.08 -24.52 22.64
CA LEU H 105 30.28 -23.89 23.18
C LEU H 105 29.92 -22.64 23.97
N LEU H 106 28.97 -21.88 23.45
CA LEU H 106 28.48 -20.70 24.16
C LEU H 106 27.88 -21.08 25.50
N SER H 107 27.12 -22.16 25.49
CA SER H 107 26.44 -22.63 26.70
C SER H 107 27.43 -23.18 27.71
N ILE H 108 28.54 -23.72 27.20
CA ILE H 108 29.62 -24.20 28.05
C ILE H 108 30.34 -23.02 28.71
N CYS H 109 30.61 -21.94 27.95
CA CYS H 109 31.19 -20.74 28.55
C CYS H 109 30.29 -20.19 29.66
N SER H 110 28.99 -20.16 29.40
CA SER H 110 28.04 -19.72 30.41
C SER H 110 28.11 -20.61 31.66
N LEU H 111 28.44 -21.87 31.45
CA LEU H 111 28.56 -22.81 32.55
C LEU H 111 29.84 -22.55 33.36
N LEU H 112 30.90 -22.13 32.69
CA LEU H 112 32.12 -21.80 33.43
C LEU H 112 31.90 -20.57 34.31
N CYS H 113 31.12 -19.61 33.81
CA CYS H 113 30.85 -18.40 34.55
C CYS H 113 29.88 -18.67 35.69
N ASP H 114 28.90 -19.52 35.42
CA ASP H 114 27.89 -19.84 36.42
C ASP H 114 27.61 -21.34 36.45
N PRO H 115 28.35 -22.07 37.28
CA PRO H 115 28.21 -23.53 37.42
C PRO H 115 26.82 -23.90 37.95
N ASN H 116 26.30 -25.06 37.57
CA ASN H 116 25.01 -25.49 38.08
C ASN H 116 25.15 -26.58 39.13
N PRO H 117 25.15 -26.19 40.42
CA PRO H 117 25.39 -27.11 41.53
C PRO H 117 24.31 -28.18 41.68
N ASP H 118 23.21 -28.01 40.95
CA ASP H 118 22.05 -28.89 41.05
C ASP H 118 22.15 -30.09 40.11
N ASP H 119 23.06 -30.02 39.14
CA ASP H 119 23.40 -31.19 38.32
C ASP H 119 24.80 -31.63 38.71
N PRO H 120 24.96 -32.17 39.92
CA PRO H 120 26.28 -32.37 40.50
C PRO H 120 27.02 -33.56 39.91
N LEU H 121 27.46 -33.46 38.66
CA LEU H 121 28.24 -34.52 38.05
C LEU H 121 29.48 -34.86 38.89
N VAL H 122 30.00 -33.85 39.59
CA VAL H 122 31.07 -34.05 40.55
C VAL H 122 30.55 -33.53 41.89
N PRO H 123 29.82 -34.38 42.63
CA PRO H 123 28.97 -33.97 43.76
C PRO H 123 29.82 -33.30 44.83
N ASP H 124 31.02 -33.86 44.93
CA ASP H 124 32.14 -33.35 45.68
C ASP H 124 32.31 -31.84 45.50
N ILE H 125 32.53 -31.44 44.25
CA ILE H 125 32.79 -30.04 43.93
C ILE H 125 31.53 -29.20 44.08
N ALA H 126 30.37 -29.77 43.77
CA ALA H 126 29.10 -29.06 43.91
C ALA H 126 28.80 -28.69 45.37
N GLN H 127 29.13 -29.62 46.27
CA GLN H 127 28.99 -29.38 47.70
C GLN H 127 29.77 -28.12 48.10
N ILE H 128 31.04 -28.08 47.74
CA ILE H 128 31.90 -26.94 48.02
C ILE H 128 31.40 -25.66 47.35
N TYR H 129 30.87 -25.79 46.13
CA TYR H 129 30.38 -24.64 45.40
C TYR H 129 29.24 -23.95 46.13
N LYS H 130 28.39 -24.74 46.79
CA LYS H 130 27.19 -24.20 47.42
C LYS H 130 27.47 -23.69 48.83
N SER H 131 28.37 -24.35 49.54
CA SER H 131 28.65 -24.01 50.93
C SER H 131 29.65 -22.87 51.07
N ASP H 132 30.89 -23.10 50.62
CA ASP H 132 31.92 -22.07 50.63
C ASP H 132 32.39 -21.68 49.22
N LYS H 133 31.75 -20.66 48.65
CA LYS H 133 32.05 -20.25 47.28
C LYS H 133 33.40 -19.55 47.13
N GLU H 134 34.03 -19.17 48.25
CA GLU H 134 35.37 -18.61 48.18
C GLU H 134 36.40 -19.74 48.04
N LYS H 135 36.15 -20.86 48.71
CA LYS H 135 37.03 -22.03 48.59
C LYS H 135 36.92 -22.63 47.20
N TYR H 136 35.71 -22.64 46.66
CA TYR H 136 35.47 -23.15 45.30
C TYR H 136 36.29 -22.38 44.31
N ASN H 137 36.22 -21.05 44.39
CA ASN H 137 36.94 -20.19 43.46
C ASN H 137 38.45 -20.38 43.57
N ARG H 138 38.94 -20.51 44.80
CA ARG H 138 40.36 -20.72 45.01
C ARG H 138 40.81 -22.02 44.35
N HIS H 139 40.06 -23.09 44.56
CA HIS H 139 40.40 -24.37 43.93
C HIS H 139 40.32 -24.29 42.40
N ALA H 140 39.30 -23.62 41.90
CA ALA H 140 39.14 -23.48 40.45
C ALA H 140 40.33 -22.75 39.85
N ARG H 141 40.74 -21.66 40.50
CA ARG H 141 41.91 -20.89 40.08
C ARG H 141 43.20 -21.68 40.14
N GLU H 142 43.42 -22.41 41.24
CA GLU H 142 44.59 -23.26 41.38
C GLU H 142 44.67 -24.28 40.23
N TRP H 143 43.59 -25.01 40.01
CA TRP H 143 43.59 -26.00 38.95
C TRP H 143 43.78 -25.32 37.60
N THR H 144 43.19 -24.15 37.41
CA THR H 144 43.40 -23.42 36.16
C THR H 144 44.90 -23.20 35.93
N GLN H 145 45.59 -22.70 36.96
CA GLN H 145 47.01 -22.39 36.83
C GLN H 145 47.83 -23.65 36.60
N LYS H 146 47.47 -24.71 37.33
CA LYS H 146 48.23 -25.96 37.29
C LYS H 146 48.00 -26.77 35.99
N TYR H 147 46.76 -26.80 35.52
CA TYR H 147 46.44 -27.66 34.38
C TYR H 147 46.10 -26.92 33.09
N ALA H 148 45.67 -25.67 33.18
CA ALA H 148 45.19 -25.00 31.98
C ALA H 148 46.03 -23.78 31.55
N MET H 149 47.29 -23.76 31.96
CA MET H 149 48.15 -22.63 31.61
C MET H 149 49.53 -23.08 31.16
#